data_9QZE
#
_entry.id   9QZE
#
_cell.length_a   81.026
_cell.length_b   89.201
_cell.length_c   158.612
_cell.angle_alpha   90.000
_cell.angle_beta   90.000
_cell.angle_gamma   90.000
#
_symmetry.space_group_name_H-M   'P 21 2 21'
#
loop_
_entity.id
_entity.type
_entity.pdbx_description
1 polymer 'Aldehyde dehydrogenase family 1 member A3'
2 non-polymer DI(HYDROXYETHYL)ETHER
3 non-polymer NICOTINAMIDE-ADENINE-DINUCLEOTIDE
4 water water
#
_entity_poly.entity_id   1
_entity_poly.type   'polypeptide(L)'
_entity_poly.pdbx_seq_one_letter_code
;MATANGAVENGQPDRKPPALPRPIRNLEVKFTKIFINNEWHESKSGKKFATCNPSTREQICEVEEGDKPDVDKAVEAAQV
AFQRGSPWRRLDALSRGRLLHQLADLVERDRATLAALETMDTGKPFLHAFFIDLEGCIRTLRYFAGWADKIQGKTIPTDD
NVVCFTRHEPIGVCGAITPWNFPLLMLVWKLAPALCCGNTMVLKPAEQTPLTALYLGSLIKEAGFPPGVVNIVPGFGPTV
GAAISSHPQINKIAFTGSTEVGKLVKEAASRSNLKRVTLELGGKNPCIVCADADLDLAVECAHQGVFFNQGQCCTAASRV
FVEEQVYSEFVRRSVEYAKKRPVGDPFDVKTEQGPQIDQKQFDKILELIESGKKEGAKLECGGSAMEDKGLFIKPTVFSE
VTDNMRIAKEEIFGPVQPILKFKSIEEVIKRANSTDYGLTAAVFTKNLDKALKLASALESGTVWINCYNALYAQAPFGGF
KMSGNGRELGEYALAEYTEVKTVTIKLGDKNP
;
_entity_poly.pdbx_strand_id   A,B
#
loop_
_chem_comp.id
_chem_comp.type
_chem_comp.name
_chem_comp.formula
NAD non-polymer NICOTINAMIDE-ADENINE-DINUCLEOTIDE 'C21 H27 N7 O14 P2'
PEG non-polymer DI(HYDROXYETHYL)ETHER 'C4 H10 O3'
#
# COMPACT_ATOMS: atom_id res chain seq x y z
N GLU A 28 34.78 14.96 17.31
CA GLU A 28 34.57 13.73 18.08
C GLU A 28 33.11 13.23 17.99
N VAL A 29 32.94 11.92 17.89
CA VAL A 29 31.62 11.29 17.80
C VAL A 29 31.13 10.99 19.21
N LYS A 30 30.06 11.65 19.61
CA LYS A 30 29.50 11.47 20.96
C LYS A 30 28.45 10.37 21.03
N PHE A 31 27.62 10.21 20.02
CA PHE A 31 26.46 9.32 20.11
C PHE A 31 26.72 8.07 19.28
N THR A 32 26.85 6.93 19.98
CA THR A 32 27.18 5.67 19.32
C THR A 32 26.32 4.51 19.82
N LYS A 33 25.35 4.76 20.69
CA LYS A 33 24.63 3.70 21.35
C LYS A 33 23.22 3.55 20.77
N ILE A 34 22.54 2.56 21.30
CA ILE A 34 21.16 2.28 20.92
C ILE A 34 20.24 3.20 21.71
N PHE A 35 19.27 3.82 21.05
CA PHE A 35 18.44 4.85 21.66
C PHE A 35 17.02 4.30 21.86
N ILE A 36 16.69 4.00 23.12
CA ILE A 36 15.37 3.49 23.53
C ILE A 36 14.90 4.27 24.76
N ASN A 37 13.64 4.74 24.69
CA ASN A 37 12.99 5.52 25.75
C ASN A 37 13.83 6.74 26.14
N ASN A 38 14.38 7.43 25.14
CA ASN A 38 15.22 8.62 25.35
C ASN A 38 16.39 8.28 26.26
N GLU A 39 16.84 7.04 26.17
CA GLU A 39 18.02 6.55 26.88
C GLU A 39 18.96 5.93 25.87
N TRP A 40 20.25 5.93 26.22
CA TRP A 40 21.29 5.27 25.44
C TRP A 40 21.58 3.90 26.03
N HIS A 41 21.80 2.93 25.15
CA HIS A 41 21.91 1.55 25.59
C HIS A 41 23.03 0.83 24.86
N GLU A 42 23.79 0.06 25.62
CA GLU A 42 24.64 -0.96 25.02
C GLU A 42 23.77 -2.02 24.36
N SER A 43 24.27 -2.61 23.29
CA SER A 43 23.59 -3.76 22.71
C SER A 43 23.50 -4.90 23.71
N LYS A 44 22.46 -5.72 23.56
CA LYS A 44 22.25 -6.83 24.48
C LYS A 44 23.37 -7.87 24.40
N SER A 45 23.97 -8.02 23.22
CA SER A 45 25.09 -8.95 23.07
C SER A 45 26.41 -8.33 23.47
N GLY A 46 26.46 -7.01 23.61
CA GLY A 46 27.70 -6.32 23.84
C GLY A 46 28.51 -6.07 22.59
N LYS A 47 28.05 -6.55 21.44
CA LYS A 47 28.81 -6.45 20.21
C LYS A 47 28.74 -5.04 19.65
N LYS A 48 29.82 -4.63 18.98
CA LYS A 48 29.87 -3.33 18.34
C LYS A 48 30.38 -3.51 16.91
N PHE A 49 30.06 -2.57 16.04
CA PHE A 49 30.60 -2.61 14.70
C PHE A 49 31.24 -1.26 14.37
N ALA A 50 32.20 -1.28 13.47
CA ALA A 50 32.95 -0.08 13.15
C ALA A 50 32.31 0.64 11.97
N THR A 51 32.35 1.98 12.04
CA THR A 51 32.05 2.83 10.91
C THR A 51 33.32 3.54 10.48
N CYS A 52 33.56 3.59 9.19
CA CYS A 52 34.80 4.12 8.67
C CYS A 52 34.57 5.33 7.77
N ASN A 53 35.59 6.18 7.70
CA ASN A 53 35.60 7.36 6.86
C ASN A 53 36.07 6.94 5.48
N PRO A 54 35.25 7.06 4.43
CA PRO A 54 35.73 6.65 3.10
C PRO A 54 36.85 7.53 2.57
N SER A 55 36.97 8.75 3.05
CA SER A 55 37.96 9.68 2.50
C SER A 55 39.34 9.45 3.09
N THR A 56 39.42 9.31 4.41
CA THR A 56 40.67 8.97 5.09
C THR A 56 40.96 7.48 5.10
N ARG A 57 39.98 6.65 4.77
CA ARG A 57 40.03 5.18 4.87
C ARG A 57 40.28 4.68 6.29
N GLU A 58 40.07 5.54 7.30
CA GLU A 58 40.31 5.18 8.69
C GLU A 58 38.98 5.05 9.43
N GLN A 59 39.03 4.31 10.53
CA GLN A 59 37.83 4.06 11.31
C GLN A 59 37.48 5.27 12.16
N ILE A 60 36.23 5.69 12.09
CA ILE A 60 35.73 6.80 12.90
C ILE A 60 35.56 6.37 14.35
N CYS A 61 34.63 5.46 14.59
CA CYS A 61 34.23 5.03 15.93
C CYS A 61 33.59 3.65 15.81
N GLU A 62 33.19 3.10 16.95
CA GLU A 62 32.40 1.89 16.97
C GLU A 62 31.01 2.18 17.51
N VAL A 63 30.02 1.51 16.94
CA VAL A 63 28.60 1.71 17.23
C VAL A 63 28.06 0.39 17.76
N GLU A 64 27.14 0.47 18.72
CA GLU A 64 26.54 -0.74 19.25
C GLU A 64 25.85 -1.51 18.14
N GLU A 65 26.05 -2.81 18.11
CA GLU A 65 25.51 -3.66 17.05
C GLU A 65 24.27 -4.35 17.61
N GLY A 66 23.11 -3.86 17.22
CA GLY A 66 21.88 -4.42 17.70
C GLY A 66 21.48 -5.70 16.96
N ASP A 67 20.49 -6.37 17.54
CA ASP A 67 19.95 -7.62 17.01
C ASP A 67 18.46 -7.67 17.37
N LYS A 68 17.83 -8.82 17.16
CA LYS A 68 16.41 -8.95 17.49
C LYS A 68 16.07 -8.62 18.94
N PRO A 69 16.85 -9.04 19.95
CA PRO A 69 16.50 -8.61 21.30
C PRO A 69 16.41 -7.10 21.44
N ASP A 70 17.29 -6.36 20.75
CA ASP A 70 17.23 -4.90 20.81
C ASP A 70 16.02 -4.35 20.06
N VAL A 71 15.68 -4.95 18.92
CA VAL A 71 14.46 -4.51 18.24
C VAL A 71 13.26 -4.73 19.15
N ASP A 72 13.19 -5.89 19.82
CA ASP A 72 12.03 -6.16 20.67
C ASP A 72 11.93 -5.14 21.81
N LYS A 73 13.05 -4.79 22.40
CA LYS A 73 13.03 -3.77 23.44
C LYS A 73 12.61 -2.41 22.88
N ALA A 74 12.92 -2.14 21.61
CA ALA A 74 12.56 -0.86 21.01
C ALA A 74 11.08 -0.82 20.65
N VAL A 75 10.60 -1.92 20.07
CA VAL A 75 9.20 -2.01 19.66
C VAL A 75 8.30 -1.92 20.89
N GLU A 76 8.60 -2.66 21.94
CA GLU A 76 7.82 -2.55 23.17
C GLU A 76 7.79 -1.12 23.70
N ALA A 77 8.94 -0.44 23.72
CA ALA A 77 8.95 0.97 24.08
C ALA A 77 7.97 1.77 23.22
N ALA A 78 8.06 1.60 21.91
CA ALA A 78 7.21 2.35 20.98
C ALA A 78 5.74 2.02 21.21
N GLN A 79 5.45 0.77 21.55
CA GLN A 79 4.09 0.38 21.87
C GLN A 79 3.60 1.12 23.11
N VAL A 80 4.41 1.15 24.16
CA VAL A 80 3.96 1.79 25.39
C VAL A 80 3.67 3.26 25.12
N ALA A 81 4.60 3.95 24.43
CA ALA A 81 4.41 5.35 24.09
C ALA A 81 3.23 5.57 23.17
N PHE A 82 2.72 4.52 22.55
CA PHE A 82 1.57 4.67 21.68
C PHE A 82 0.24 4.29 22.33
N GLN A 83 0.24 3.63 23.49
CA GLN A 83 -1.03 3.23 24.11
C GLN A 83 -1.94 4.43 24.33
N ARG A 84 -3.25 4.20 24.20
CA ARG A 84 -4.21 5.26 24.47
C ARG A 84 -4.01 5.76 25.89
N GLY A 85 -4.02 7.07 26.06
CA GLY A 85 -3.77 7.69 27.35
C GLY A 85 -2.33 8.04 27.63
N SER A 86 -1.41 7.60 26.80
CA SER A 86 -0.01 7.98 26.98
C SER A 86 0.13 9.48 26.76
N PRO A 87 1.23 10.09 27.26
CA PRO A 87 1.46 11.51 26.96
C PRO A 87 1.39 11.85 25.46
N TRP A 88 2.08 11.07 24.63
CA TRP A 88 2.12 11.35 23.21
C TRP A 88 0.73 11.27 22.58
N ARG A 89 -0.06 10.28 22.95
CA ARG A 89 -1.41 10.21 22.40
C ARG A 89 -2.30 11.32 22.98
N ARG A 90 -1.95 11.87 24.14
CA ARG A 90 -2.77 12.91 24.74
C ARG A 90 -2.48 14.30 24.19
N LEU A 91 -1.32 14.51 23.59
CA LEU A 91 -1.02 15.80 22.99
C LEU A 91 -2.09 16.19 22.00
N ASP A 92 -2.47 17.47 22.00
CA ASP A 92 -3.36 17.93 20.94
C ASP A 92 -2.59 18.05 19.61
N ALA A 93 -3.33 18.28 18.53
CA ALA A 93 -2.72 18.17 17.22
C ALA A 93 -1.64 19.21 17.03
N LEU A 94 -1.90 20.45 17.47
CA LEU A 94 -0.93 21.51 17.20
C LEU A 94 0.34 21.33 18.00
N SER A 95 0.27 20.60 19.13
CA SER A 95 1.49 20.41 19.91
C SER A 95 2.40 19.38 19.27
N ARG A 96 1.84 18.45 18.48
CA ARG A 96 2.70 17.61 17.67
C ARG A 96 3.41 18.45 16.62
N GLY A 97 2.67 19.37 15.98
CA GLY A 97 3.32 20.37 15.14
C GLY A 97 4.45 21.09 15.87
N ARG A 98 4.15 21.64 17.05
CA ARG A 98 5.13 22.49 17.74
C ARG A 98 6.40 21.72 18.05
N LEU A 99 6.28 20.44 18.44
CA LEU A 99 7.45 19.61 18.69
C LEU A 99 8.28 19.41 17.43
N LEU A 100 7.62 19.13 16.30
CA LEU A 100 8.36 18.97 15.04
C LEU A 100 9.12 20.26 14.68
N HIS A 101 8.52 21.44 14.90
CA HIS A 101 9.26 22.69 14.73
C HIS A 101 10.42 22.79 15.71
N GLN A 102 10.22 22.30 16.94
CA GLN A 102 11.30 22.35 17.90
C GLN A 102 12.45 21.46 17.46
N LEU A 103 12.14 20.32 16.83
CA LEU A 103 13.18 19.45 16.30
C LEU A 103 13.95 20.15 15.19
N ALA A 104 13.24 20.66 14.18
CA ALA A 104 13.85 21.44 13.10
C ALA A 104 14.75 22.54 13.65
N ASP A 105 14.32 23.21 14.71
CA ASP A 105 15.11 24.30 15.27
C ASP A 105 16.45 23.81 15.79
N LEU A 106 16.47 22.60 16.39
CA LEU A 106 17.71 22.08 16.95
C LEU A 106 18.61 21.55 15.84
N VAL A 107 18.01 20.93 14.82
CA VAL A 107 18.75 20.51 13.64
C VAL A 107 19.34 21.71 12.94
N GLU A 108 18.62 22.83 12.96
CA GLU A 108 19.18 24.06 12.40
C GLU A 108 20.36 24.54 13.22
N ARG A 109 20.26 24.48 14.56
CA ARG A 109 21.35 24.93 15.44
C ARG A 109 22.61 24.12 15.24
N ASP A 110 22.47 22.79 15.20
CA ASP A 110 23.59 21.86 15.06
C ASP A 110 23.78 21.39 13.62
N ARG A 111 23.32 22.18 12.65
CA ARG A 111 23.51 21.88 11.24
C ARG A 111 24.99 21.61 10.91
N ALA A 112 25.87 22.54 11.28
CA ALA A 112 27.29 22.32 10.94
C ALA A 112 27.76 20.96 11.43
N THR A 113 27.29 20.53 12.61
CA THR A 113 27.79 19.29 13.18
C THR A 113 27.16 18.06 12.52
N LEU A 114 25.89 18.15 12.12
CA LEU A 114 25.23 17.06 11.42
C LEU A 114 25.79 16.89 10.01
N ALA A 115 26.07 18.00 9.32
CA ALA A 115 26.63 17.91 7.97
C ALA A 115 28.05 17.37 8.02
N ALA A 116 28.81 17.73 9.05
CA ALA A 116 30.14 17.16 9.20
C ALA A 116 30.08 15.65 9.42
N LEU A 117 29.11 15.19 10.21
CA LEU A 117 29.04 13.76 10.48
C LEU A 117 28.56 13.01 9.25
N GLU A 118 27.62 13.59 8.50
CA GLU A 118 27.23 13.01 7.23
C GLU A 118 28.41 12.91 6.29
N THR A 119 29.24 13.96 6.22
CA THR A 119 30.42 13.93 5.34
C THR A 119 31.41 12.84 5.78
N MET A 120 31.68 12.74 7.09
CA MET A 120 32.60 11.70 7.57
C MET A 120 32.12 10.30 7.21
N ASP A 121 30.80 10.09 7.24
CA ASP A 121 30.23 8.76 7.05
C ASP A 121 30.05 8.40 5.58
N THR A 122 29.70 9.40 4.75
CA THR A 122 29.34 9.14 3.37
C THR A 122 30.38 9.55 2.35
N GLY A 123 31.30 10.44 2.71
CA GLY A 123 32.24 10.98 1.76
C GLY A 123 31.72 12.13 0.92
N LYS A 124 30.44 12.48 1.02
CA LYS A 124 29.94 13.59 0.23
C LYS A 124 30.55 14.91 0.71
N PRO A 125 30.72 15.87 -0.20
CA PRO A 125 31.28 17.17 0.19
C PRO A 125 30.49 17.82 1.33
N PHE A 126 31.24 18.39 2.28
CA PHE A 126 30.64 19.07 3.44
C PHE A 126 29.62 20.11 3.00
N LEU A 127 29.99 20.98 2.05
CA LEU A 127 29.06 22.01 1.63
C LEU A 127 27.79 21.45 1.02
N HIS A 128 27.86 20.26 0.41
CA HIS A 128 26.64 19.64 -0.11
C HIS A 128 25.77 19.09 1.02
N ALA A 129 26.39 18.50 2.03
CA ALA A 129 25.61 17.99 3.16
C ALA A 129 24.94 19.14 3.89
N PHE A 130 25.60 20.29 3.96
CA PHE A 130 25.09 21.43 4.70
C PHE A 130 23.93 22.08 3.95
N PHE A 131 24.11 22.32 2.66
CA PHE A 131 23.14 23.11 1.90
C PHE A 131 22.10 22.27 1.20
N ILE A 132 22.34 20.97 1.04
CA ILE A 132 21.36 20.13 0.38
C ILE A 132 20.71 19.20 1.40
N ASP A 133 21.48 18.25 1.93
CA ASP A 133 20.93 17.26 2.88
C ASP A 133 20.28 17.94 4.08
N LEU A 134 21.03 18.78 4.79
CA LEU A 134 20.49 19.36 6.01
C LEU A 134 19.35 20.33 5.71
N GLU A 135 19.46 21.07 4.60
CA GLU A 135 18.38 21.96 4.20
C GLU A 135 17.10 21.17 3.93
N GLY A 136 17.22 20.05 3.20
CA GLY A 136 16.07 19.17 3.00
C GLY A 136 15.49 18.69 4.32
N CYS A 137 16.35 18.36 5.28
CA CYS A 137 15.88 17.85 6.57
C CYS A 137 15.03 18.89 7.29
N ILE A 138 15.50 20.13 7.28
CA ILE A 138 14.81 21.21 7.97
C ILE A 138 13.50 21.52 7.26
N ARG A 139 13.54 21.60 5.93
CA ARG A 139 12.33 21.94 5.20
C ARG A 139 11.25 20.87 5.36
N THR A 140 11.64 19.59 5.34
CA THR A 140 10.66 18.49 5.41
C THR A 140 9.98 18.45 6.77
N LEU A 141 10.76 18.66 7.83
CA LEU A 141 10.22 18.71 9.18
C LEU A 141 9.29 19.90 9.39
N ARG A 142 9.60 21.07 8.81
CA ARG A 142 8.73 22.22 9.01
C ARG A 142 7.45 22.06 8.21
N TYR A 143 7.58 21.54 7.00
CA TYR A 143 6.42 21.28 6.17
C TYR A 143 5.45 20.39 6.93
N PHE A 144 5.91 19.20 7.32
CA PHE A 144 5.08 18.24 8.03
C PHE A 144 4.67 18.71 9.41
N ALA A 145 5.50 19.51 10.08
CA ALA A 145 5.00 20.14 11.31
C ALA A 145 3.67 20.85 11.07
N GLY A 146 3.57 21.59 9.98
CA GLY A 146 2.34 22.30 9.75
C GLY A 146 1.20 21.42 9.26
N TRP A 147 1.45 20.13 8.96
CA TRP A 147 0.35 19.21 8.62
C TRP A 147 -0.34 18.61 9.85
N ALA A 148 0.26 18.71 11.04
CA ALA A 148 -0.27 17.96 12.18
C ALA A 148 -1.74 18.30 12.45
N ASP A 149 -2.09 19.58 12.47
CA ASP A 149 -3.47 19.98 12.75
C ASP A 149 -4.29 20.21 11.51
N LYS A 150 -3.84 19.71 10.35
CA LYS A 150 -4.65 19.78 9.14
C LYS A 150 -4.84 18.40 8.51
N ILE A 151 -4.49 17.34 9.21
CA ILE A 151 -4.87 15.99 8.79
C ILE A 151 -6.35 15.82 9.03
N GLN A 152 -7.14 15.73 7.96
CA GLN A 152 -8.58 15.85 8.06
C GLN A 152 -9.26 14.71 7.31
N GLY A 153 -10.19 14.02 7.96
CA GLY A 153 -11.05 13.04 7.31
C GLY A 153 -12.27 13.70 6.71
N LYS A 154 -13.32 12.90 6.52
CA LYS A 154 -14.47 13.35 5.73
C LYS A 154 -15.76 13.13 6.51
N THR A 155 -16.75 13.98 6.25
CA THR A 155 -18.13 13.71 6.61
C THR A 155 -18.86 13.39 5.31
N ILE A 156 -19.63 12.31 5.31
CA ILE A 156 -20.02 11.64 4.09
C ILE A 156 -21.54 11.62 4.07
N PRO A 157 -22.18 12.18 3.04
CA PRO A 157 -23.64 12.12 2.99
C PRO A 157 -24.07 10.71 2.63
N THR A 158 -25.05 10.19 3.39
CA THR A 158 -25.63 8.88 3.18
C THR A 158 -27.15 8.99 3.19
N ASP A 159 -27.77 8.67 4.32
CA ASP A 159 -29.23 8.74 4.46
C ASP A 159 -29.67 9.83 5.42
N ASP A 160 -30.96 10.12 5.32
CA ASP A 160 -31.61 11.16 6.12
C ASP A 160 -31.39 10.96 7.61
N ASN A 161 -31.21 9.72 8.05
CA ASN A 161 -31.19 9.38 9.47
C ASN A 161 -29.84 8.77 9.89
N VAL A 162 -28.80 9.00 9.10
CA VAL A 162 -27.48 8.42 9.34
C VAL A 162 -26.43 9.53 9.34
N VAL A 163 -25.48 9.43 10.27
CA VAL A 163 -24.33 10.32 10.36
C VAL A 163 -23.11 9.43 10.09
N CYS A 164 -22.41 9.68 8.99
CA CYS A 164 -21.31 8.85 8.55
C CYS A 164 -20.07 9.70 8.35
N PHE A 165 -18.97 9.33 8.98
CA PHE A 165 -17.76 10.12 8.80
C PHE A 165 -16.55 9.22 8.92
N THR A 166 -15.40 9.73 8.47
CA THR A 166 -14.16 8.98 8.52
C THR A 166 -13.14 9.72 9.37
N ARG A 167 -12.25 8.94 9.98
CA ARG A 167 -11.14 9.44 10.79
C ARG A 167 -9.83 8.90 10.22
N HIS A 168 -8.84 9.78 10.08
CA HIS A 168 -7.49 9.38 9.65
C HIS A 168 -6.65 9.18 10.89
N GLU A 169 -6.69 7.96 11.46
CA GLU A 169 -6.05 7.74 12.73
C GLU A 169 -4.59 7.34 12.56
N PRO A 170 -3.74 7.56 13.56
CA PRO A 170 -2.37 7.10 13.45
C PRO A 170 -2.36 5.60 13.20
N ILE A 171 -1.43 5.16 12.34
CA ILE A 171 -1.34 3.76 12.01
C ILE A 171 -0.72 2.94 13.14
N GLY A 172 0.14 3.54 13.95
CA GLY A 172 0.69 2.82 15.09
C GLY A 172 2.22 2.85 15.15
N VAL A 173 2.86 1.71 15.42
CA VAL A 173 4.31 1.64 15.49
C VAL A 173 4.88 1.51 14.08
N CYS A 174 5.73 2.45 13.69
CA CYS A 174 6.27 2.53 12.34
C CYS A 174 7.76 2.20 12.34
N GLY A 175 8.15 1.26 11.51
CA GLY A 175 9.57 1.02 11.25
C GLY A 175 10.08 1.84 10.07
N ALA A 176 11.33 2.33 10.20
CA ALA A 176 12.01 3.03 9.12
C ALA A 176 13.36 2.37 8.89
N ILE A 177 13.62 1.97 7.66
CA ILE A 177 14.89 1.35 7.27
C ILE A 177 15.42 2.16 6.10
N THR A 178 16.64 2.69 6.24
CA THR A 178 17.16 3.68 5.32
C THR A 178 18.51 3.25 4.75
N PRO A 179 18.94 3.82 3.60
CA PRO A 179 20.19 3.40 2.97
C PRO A 179 21.32 4.33 3.37
N TRP A 180 22.49 4.18 2.74
CA TRP A 180 23.68 4.94 3.11
C TRP A 180 23.90 6.20 2.28
N ASN A 181 23.14 6.42 1.20
CA ASN A 181 23.48 7.51 0.29
C ASN A 181 22.98 8.88 0.79
N PHE A 182 21.81 8.92 1.42
CA PHE A 182 21.28 10.13 2.04
C PHE A 182 20.77 9.73 3.41
N PRO A 183 21.68 9.37 4.32
CA PRO A 183 21.27 8.72 5.58
C PRO A 183 20.28 9.52 6.41
N LEU A 184 20.59 10.78 6.75
CA LEU A 184 19.66 11.59 7.53
C LEU A 184 18.41 11.94 6.73
N LEU A 185 18.57 12.35 5.47
CA LEU A 185 17.41 12.84 4.74
C LEU A 185 16.35 11.76 4.58
N MET A 186 16.76 10.54 4.23
CA MET A 186 15.82 9.45 3.98
C MET A 186 15.06 9.05 5.23
N LEU A 187 15.71 9.22 6.37
CA LEU A 187 15.07 8.99 7.66
C LEU A 187 14.08 10.11 7.97
N VAL A 188 14.50 11.37 7.77
CA VAL A 188 13.61 12.50 8.06
C VAL A 188 12.36 12.47 7.17
N TRP A 189 12.50 12.00 5.93
CA TRP A 189 11.33 11.86 5.05
C TRP A 189 10.30 10.91 5.63
N LYS A 190 10.74 10.04 6.54
CA LYS A 190 9.91 9.10 7.27
C LYS A 190 9.51 9.64 8.63
N LEU A 191 10.45 10.17 9.40
CA LEU A 191 10.10 10.63 10.73
C LEU A 191 9.08 11.77 10.68
N ALA A 192 9.18 12.64 9.68
CA ALA A 192 8.36 13.86 9.70
C ALA A 192 6.88 13.57 9.46
N PRO A 193 6.47 12.86 8.41
CA PRO A 193 5.04 12.53 8.32
C PRO A 193 4.58 11.60 9.44
N ALA A 194 5.40 10.63 9.87
CA ALA A 194 4.93 9.67 10.86
C ALA A 194 4.60 10.34 12.18
N LEU A 195 5.48 11.22 12.66
CA LEU A 195 5.25 11.88 13.94
C LEU A 195 4.14 12.91 13.84
N CYS A 196 4.07 13.63 12.72
CA CYS A 196 3.00 14.62 12.66
C CYS A 196 1.64 13.92 12.66
N CYS A 197 1.58 12.69 12.16
CA CYS A 197 0.35 11.91 12.24
C CYS A 197 0.17 11.23 13.59
N GLY A 198 1.13 11.33 14.50
CA GLY A 198 0.91 10.80 15.82
C GLY A 198 1.36 9.37 16.01
N ASN A 199 2.13 8.82 15.10
CA ASN A 199 2.67 7.48 15.27
C ASN A 199 3.89 7.52 16.19
N THR A 200 4.43 6.33 16.52
CA THR A 200 5.73 6.20 17.19
C THR A 200 6.61 5.29 16.33
N MET A 201 7.91 5.19 16.65
CA MET A 201 8.82 4.72 15.61
C MET A 201 10.00 3.90 16.11
N VAL A 202 10.42 2.97 15.25
CA VAL A 202 11.70 2.26 15.39
C VAL A 202 12.50 2.47 14.11
N LEU A 203 13.72 2.99 14.27
CA LEU A 203 14.55 3.38 13.13
C LEU A 203 15.81 2.52 13.08
N LYS A 204 16.08 1.93 11.90
CA LYS A 204 17.37 1.32 11.61
C LYS A 204 18.08 2.10 10.51
N PRO A 205 19.07 2.90 10.87
CA PRO A 205 19.98 3.45 9.85
C PRO A 205 20.84 2.36 9.26
N ALA A 206 21.35 2.64 8.06
CA ALA A 206 22.28 1.75 7.37
C ALA A 206 23.51 1.50 8.23
N GLU A 207 24.03 0.26 8.18
CA GLU A 207 25.23 -0.08 8.94
C GLU A 207 26.43 0.75 8.50
N GLN A 208 26.48 1.17 7.24
CA GLN A 208 27.59 2.01 6.74
C GLN A 208 27.56 3.44 7.31
N THR A 209 26.38 3.95 7.66
CA THR A 209 26.18 5.37 7.97
C THR A 209 25.22 5.52 9.16
N PRO A 210 25.67 5.16 10.37
CA PRO A 210 24.78 5.30 11.53
C PRO A 210 24.82 6.66 12.21
N LEU A 211 25.83 7.48 11.90
CA LEU A 211 26.24 8.54 12.83
C LEU A 211 25.19 9.65 12.98
N THR A 212 24.52 10.06 11.88
CA THR A 212 23.63 11.21 12.02
C THR A 212 22.31 10.82 12.67
N ALA A 213 21.68 9.71 12.24
CA ALA A 213 20.59 9.10 12.99
C ALA A 213 20.81 9.13 14.50
N LEU A 214 21.94 8.61 14.96
CA LEU A 214 22.15 8.58 16.41
C LEU A 214 22.15 9.99 16.98
N TYR A 215 22.78 10.95 16.26
CA TYR A 215 22.79 12.35 16.70
C TYR A 215 21.38 12.93 16.73
N LEU A 216 20.61 12.70 15.67
CA LEU A 216 19.22 13.15 15.67
C LEU A 216 18.53 12.72 16.96
N GLY A 217 18.86 11.51 17.44
CA GLY A 217 18.24 10.99 18.65
C GLY A 217 18.44 11.89 19.85
N SER A 218 19.68 12.35 20.07
CA SER A 218 19.85 13.33 21.14
C SER A 218 18.98 14.56 20.89
N LEU A 219 18.88 15.02 19.65
CA LEU A 219 18.05 16.20 19.43
C LEU A 219 16.57 15.91 19.69
N ILE A 220 16.15 14.66 19.49
CA ILE A 220 14.75 14.28 19.68
C ILE A 220 14.37 14.31 21.14
N LYS A 221 15.28 13.87 22.01
CA LYS A 221 15.10 13.99 23.46
C LYS A 221 15.18 15.43 23.91
N GLU A 222 16.07 16.21 23.31
CA GLU A 222 16.11 17.64 23.62
C GLU A 222 14.84 18.34 23.17
N ALA A 223 14.29 17.99 22.00
CA ALA A 223 13.06 18.65 21.58
C ALA A 223 11.91 18.37 22.54
N GLY A 224 12.01 17.36 23.41
CA GLY A 224 10.95 17.08 24.37
C GLY A 224 9.88 16.12 23.86
N PHE A 225 10.22 15.34 22.84
CA PHE A 225 9.39 14.20 22.50
C PHE A 225 9.35 13.23 23.67
N PRO A 226 8.18 12.69 24.02
CA PRO A 226 8.11 11.77 25.15
C PRO A 226 8.92 10.53 24.89
N PRO A 227 9.45 9.90 25.94
CA PRO A 227 10.27 8.70 25.75
C PRO A 227 9.51 7.61 24.98
N GLY A 228 10.20 7.00 24.03
CA GLY A 228 9.66 5.87 23.32
C GLY A 228 8.96 6.23 22.05
N VAL A 229 8.75 7.53 21.80
CA VAL A 229 8.13 7.96 20.56
C VAL A 229 9.05 7.66 19.38
N VAL A 230 10.36 7.85 19.54
CA VAL A 230 11.34 7.50 18.51
C VAL A 230 12.42 6.65 19.13
N ASN A 231 12.64 5.46 18.57
CA ASN A 231 13.71 4.59 19.05
C ASN A 231 14.57 4.23 17.85
N ILE A 232 15.86 3.99 18.11
CA ILE A 232 16.87 3.84 17.06
C ILE A 232 17.79 2.68 17.41
N VAL A 233 17.81 1.68 16.55
CA VAL A 233 18.59 0.46 16.70
C VAL A 233 19.49 0.31 15.48
N PRO A 234 20.76 0.71 15.60
CA PRO A 234 21.72 0.44 14.53
C PRO A 234 21.99 -1.05 14.39
N GLY A 235 22.70 -1.38 13.32
CA GLY A 235 23.07 -2.75 13.02
C GLY A 235 22.79 -3.06 11.57
N PHE A 236 22.81 -4.37 11.27
CA PHE A 236 22.83 -4.85 9.90
C PHE A 236 21.42 -5.21 9.42
N GLY A 237 21.33 -5.40 8.10
CA GLY A 237 20.10 -5.71 7.42
C GLY A 237 19.48 -7.03 7.83
N PRO A 238 20.17 -8.16 7.59
CA PRO A 238 19.57 -9.46 7.95
C PRO A 238 19.31 -9.64 9.44
N THR A 239 19.94 -8.86 10.33
CA THR A 239 19.64 -8.99 11.74
C THR A 239 18.58 -7.98 12.19
N VAL A 240 18.95 -6.71 12.29
CA VAL A 240 18.02 -5.69 12.78
C VAL A 240 16.92 -5.43 11.75
N GLY A 241 17.29 -5.30 10.48
CA GLY A 241 16.29 -4.97 9.47
C GLY A 241 15.21 -6.02 9.35
N ALA A 242 15.61 -7.29 9.26
CA ALA A 242 14.64 -8.37 9.04
C ALA A 242 13.75 -8.57 10.26
N ALA A 243 14.30 -8.35 11.44
CA ALA A 243 13.53 -8.38 12.67
C ALA A 243 12.50 -7.25 12.72
N ILE A 244 12.77 -6.12 12.06
CA ILE A 244 11.78 -5.05 12.03
C ILE A 244 10.66 -5.39 11.05
N SER A 245 11.03 -5.86 9.86
CA SER A 245 10.06 -6.17 8.82
C SER A 245 9.20 -7.39 9.15
N SER A 246 9.68 -8.27 10.04
CA SER A 246 8.92 -9.42 10.48
C SER A 246 8.28 -9.26 11.85
N HIS A 247 8.38 -8.08 12.47
CA HIS A 247 7.94 -7.98 13.86
C HIS A 247 6.41 -7.99 13.93
N PRO A 248 5.82 -8.80 14.81
CA PRO A 248 4.35 -8.88 14.83
C PRO A 248 3.67 -7.67 15.46
N GLN A 249 4.40 -6.79 16.16
CA GLN A 249 3.82 -5.58 16.73
C GLN A 249 4.40 -4.31 16.12
N ILE A 250 4.89 -4.39 14.89
CA ILE A 250 5.10 -3.23 14.04
C ILE A 250 3.96 -3.17 13.02
N ASN A 251 3.29 -2.03 12.89
CA ASN A 251 2.09 -1.92 12.04
C ASN A 251 2.38 -1.41 10.64
N LYS A 252 3.53 -0.81 10.42
CA LYS A 252 3.84 -0.09 9.19
C LYS A 252 5.35 -0.04 9.08
N ILE A 253 5.86 -0.24 7.87
CA ILE A 253 7.28 -0.15 7.59
C ILE A 253 7.50 0.77 6.40
N ALA A 254 8.53 1.62 6.47
CA ALA A 254 9.00 2.41 5.34
C ALA A 254 10.46 2.09 5.05
N PHE A 255 10.75 1.73 3.80
CA PHE A 255 12.09 1.29 3.42
C PHE A 255 12.62 2.12 2.26
N THR A 256 13.87 2.59 2.35
CA THR A 256 14.56 3.14 1.20
C THR A 256 15.84 2.35 0.96
N GLY A 257 15.99 1.83 -0.26
CA GLY A 257 17.15 1.07 -0.63
C GLY A 257 16.92 0.31 -1.93
N SER A 258 17.66 -0.80 -2.07
CA SER A 258 17.67 -1.55 -3.33
C SER A 258 16.35 -2.29 -3.56
N THR A 259 16.06 -2.52 -4.84
CA THR A 259 14.87 -3.26 -5.21
C THR A 259 14.84 -4.64 -4.58
N GLU A 260 15.99 -5.34 -4.56
CA GLU A 260 16.01 -6.71 -4.05
C GLU A 260 15.71 -6.77 -2.57
N VAL A 261 16.32 -5.88 -1.79
CA VAL A 261 16.02 -5.87 -0.37
C VAL A 261 14.58 -5.42 -0.11
N GLY A 262 14.05 -4.50 -0.93
CA GLY A 262 12.67 -4.07 -0.77
C GLY A 262 11.66 -5.19 -1.02
N LYS A 263 11.95 -6.06 -1.99
CA LYS A 263 11.12 -7.25 -2.19
C LYS A 263 11.12 -8.13 -0.95
N LEU A 264 12.32 -8.35 -0.38
CA LEU A 264 12.40 -9.16 0.82
C LEU A 264 11.61 -8.51 1.94
N VAL A 265 11.71 -7.18 2.07
CA VAL A 265 11.06 -6.49 3.18
C VAL A 265 9.54 -6.59 3.04
N LYS A 266 9.01 -6.39 1.83
CA LYS A 266 7.58 -6.54 1.65
C LYS A 266 7.14 -7.98 1.83
N GLU A 267 7.98 -8.94 1.43
CA GLU A 267 7.66 -10.34 1.69
C GLU A 267 7.61 -10.64 3.17
N ALA A 268 8.60 -10.17 3.93
CA ALA A 268 8.59 -10.43 5.37
C ALA A 268 7.38 -9.79 6.02
N ALA A 269 7.09 -8.55 5.65
CA ALA A 269 5.88 -7.86 6.10
C ALA A 269 4.61 -8.68 5.83
N SER A 270 4.55 -9.35 4.69
CA SER A 270 3.33 -10.08 4.37
C SER A 270 3.24 -11.40 5.13
N ARG A 271 4.36 -12.09 5.32
CA ARG A 271 4.34 -13.35 6.05
C ARG A 271 4.11 -13.16 7.54
N SER A 272 4.39 -11.97 8.08
CA SER A 272 4.21 -11.74 9.51
C SER A 272 2.79 -11.28 9.82
N ASN A 273 2.60 -9.97 9.92
CA ASN A 273 1.33 -9.41 10.38
C ASN A 273 0.69 -8.50 9.35
N LEU A 274 1.12 -8.59 8.10
CA LEU A 274 0.54 -7.80 7.01
C LEU A 274 0.68 -6.30 7.26
N LYS A 275 1.77 -5.91 7.91
CA LYS A 275 2.07 -4.50 8.10
C LYS A 275 2.12 -3.77 6.76
N ARG A 276 1.66 -2.52 6.77
CA ARG A 276 1.65 -1.65 5.60
C ARG A 276 3.07 -1.25 5.22
N VAL A 277 3.37 -1.22 3.93
CA VAL A 277 4.73 -1.05 3.48
C VAL A 277 4.83 0.12 2.51
N THR A 278 5.80 1.02 2.74
CA THR A 278 6.21 2.00 1.76
C THR A 278 7.60 1.62 1.27
N LEU A 279 7.77 1.55 -0.05
CA LEU A 279 9.04 1.19 -0.66
C LEU A 279 9.53 2.33 -1.53
N GLU A 280 10.74 2.81 -1.28
CA GLU A 280 11.40 3.75 -2.17
C GLU A 280 12.66 3.07 -2.70
N LEU A 281 12.65 2.71 -3.99
CA LEU A 281 13.68 1.82 -4.52
C LEU A 281 14.56 2.48 -5.59
N GLY A 282 15.26 1.66 -6.37
CA GLY A 282 16.12 2.21 -7.40
C GLY A 282 15.37 2.61 -8.65
N GLY A 283 16.09 3.24 -9.58
CA GLY A 283 15.53 3.52 -10.88
C GLY A 283 16.59 3.44 -11.97
N LYS A 284 16.13 3.26 -13.20
CA LYS A 284 16.95 3.43 -14.39
C LYS A 284 16.52 4.73 -15.07
N ASN A 285 16.84 5.86 -14.43
CA ASN A 285 16.12 7.12 -14.72
C ASN A 285 16.52 7.72 -16.06
N PRO A 286 15.59 7.97 -16.96
CA PRO A 286 15.94 8.56 -18.24
C PRO A 286 16.01 10.08 -18.15
N CYS A 287 16.86 10.64 -19.00
CA CYS A 287 17.05 12.07 -19.12
C CYS A 287 17.03 12.38 -20.62
N ILE A 288 16.01 13.09 -21.07
CA ILE A 288 15.70 13.21 -22.50
C ILE A 288 15.93 14.64 -22.97
N VAL A 289 16.82 14.81 -23.95
CA VAL A 289 17.22 16.12 -24.46
C VAL A 289 16.70 16.26 -25.90
N CYS A 290 15.66 17.05 -26.08
CA CYS A 290 15.09 17.27 -27.40
C CYS A 290 15.97 18.21 -28.22
N ALA A 291 15.78 18.17 -29.54
CA ALA A 291 16.57 19.02 -30.41
C ALA A 291 16.37 20.50 -30.12
N ASP A 292 15.19 20.88 -29.64
CA ASP A 292 14.91 22.28 -29.35
C ASP A 292 15.16 22.66 -27.90
N ALA A 293 15.87 21.83 -27.14
CA ALA A 293 16.19 22.21 -25.78
C ALA A 293 17.12 23.42 -25.76
N ASP A 294 17.08 24.19 -24.66
CA ASP A 294 18.20 25.04 -24.28
C ASP A 294 19.38 24.11 -24.03
N LEU A 295 20.32 24.02 -24.97
CA LEU A 295 21.34 22.97 -24.89
C LEU A 295 22.25 23.15 -23.68
N ASP A 296 22.66 24.37 -23.39
CA ASP A 296 23.55 24.57 -22.24
C ASP A 296 22.83 24.27 -20.94
N LEU A 297 21.53 24.54 -20.83
CA LEU A 297 20.81 24.13 -19.63
C LEU A 297 20.73 22.61 -19.53
N ALA A 298 20.44 21.95 -20.65
CA ALA A 298 20.35 20.49 -20.65
C ALA A 298 21.68 19.86 -20.24
N VAL A 299 22.79 20.37 -20.79
CA VAL A 299 24.11 19.83 -20.44
C VAL A 299 24.38 20.02 -18.95
N GLU A 300 24.12 21.23 -18.46
CA GLU A 300 24.38 21.53 -17.05
C GLU A 300 23.55 20.64 -16.12
N CYS A 301 22.26 20.43 -16.46
CA CYS A 301 21.37 19.64 -15.61
C CYS A 301 21.64 18.15 -15.72
N ALA A 302 21.90 17.65 -16.94
CA ALA A 302 22.23 16.24 -17.10
C ALA A 302 23.54 15.91 -16.39
N HIS A 303 24.49 16.84 -16.42
CA HIS A 303 25.74 16.62 -15.70
C HIS A 303 25.51 16.51 -14.20
N GLN A 304 24.81 17.47 -13.61
CA GLN A 304 24.50 17.38 -12.19
C GLN A 304 23.68 16.13 -11.87
N GLY A 305 22.75 15.79 -12.76
CA GLY A 305 21.88 14.66 -12.48
C GLY A 305 22.61 13.34 -12.53
N VAL A 306 23.69 13.26 -13.30
CA VAL A 306 24.48 12.04 -13.29
C VAL A 306 25.44 12.02 -12.12
N PHE A 307 26.12 13.14 -11.87
CA PHE A 307 27.34 13.13 -11.05
C PHE A 307 27.15 13.62 -9.62
N PHE A 308 25.96 14.13 -9.27
CA PHE A 308 25.74 14.62 -7.92
C PHE A 308 25.91 13.50 -6.91
N ASN A 309 26.56 13.82 -5.79
CA ASN A 309 26.77 12.88 -4.70
C ASN A 309 27.54 11.66 -5.17
N GLN A 310 28.57 11.89 -5.99
CA GLN A 310 29.40 10.84 -6.55
C GLN A 310 28.61 9.85 -7.42
N GLY A 311 27.48 10.27 -7.98
CA GLY A 311 26.60 9.39 -8.71
C GLY A 311 25.73 8.47 -7.86
N GLN A 312 25.80 8.58 -6.54
CA GLN A 312 25.15 7.62 -5.64
C GLN A 312 23.84 8.20 -5.14
N CYS A 313 22.89 8.27 -6.05
CA CYS A 313 21.66 9.01 -5.81
C CYS A 313 20.53 8.26 -6.49
N CYS A 314 19.41 8.07 -5.77
CA CYS A 314 18.29 7.33 -6.39
C CYS A 314 17.75 8.06 -7.61
N THR A 315 17.92 9.38 -7.67
CA THR A 315 17.46 10.15 -8.80
C THR A 315 18.45 10.18 -9.96
N ALA A 316 19.64 9.60 -9.80
CA ALA A 316 20.69 9.76 -10.78
C ALA A 316 20.23 9.40 -12.19
N ALA A 317 20.68 10.17 -13.17
CA ALA A 317 20.40 9.84 -14.56
C ALA A 317 21.23 8.64 -14.98
N SER A 318 20.58 7.57 -15.41
CA SER A 318 21.32 6.42 -15.89
C SER A 318 21.31 6.33 -17.41
N ARG A 319 20.37 6.99 -18.08
CA ARG A 319 20.28 6.97 -19.54
C ARG A 319 20.04 8.40 -19.99
N VAL A 320 21.00 9.00 -20.68
CA VAL A 320 20.86 10.35 -21.22
C VAL A 320 20.56 10.17 -22.70
N PHE A 321 19.28 10.27 -23.05
CA PHE A 321 18.85 10.26 -24.43
C PHE A 321 18.97 11.65 -25.04
N VAL A 322 19.76 11.78 -26.11
CA VAL A 322 19.93 13.05 -26.80
C VAL A 322 19.51 12.88 -28.24
N GLU A 323 18.60 13.73 -28.69
CA GLU A 323 18.17 13.69 -30.09
C GLU A 323 19.33 14.00 -31.02
N GLU A 324 19.32 13.37 -32.20
CA GLU A 324 20.51 13.34 -33.03
C GLU A 324 20.95 14.71 -33.49
N GLN A 325 20.03 15.69 -33.55
CA GLN A 325 20.38 17.02 -34.05
C GLN A 325 21.35 17.73 -33.13
N VAL A 326 21.35 17.40 -31.84
CA VAL A 326 22.28 18.02 -30.91
C VAL A 326 23.17 16.97 -30.21
N TYR A 327 23.19 15.74 -30.72
CA TYR A 327 23.92 14.67 -30.06
C TYR A 327 25.40 15.01 -29.90
N SER A 328 26.07 15.34 -31.01
CA SER A 328 27.51 15.52 -30.97
C SER A 328 27.91 16.70 -30.11
N GLU A 329 27.14 17.78 -30.21
CA GLU A 329 27.46 18.96 -29.44
C GLU A 329 27.15 18.75 -27.96
N PHE A 330 26.06 18.04 -27.64
CA PHE A 330 25.82 17.67 -26.25
C PHE A 330 27.00 16.89 -25.67
N VAL A 331 27.46 15.85 -26.38
CA VAL A 331 28.58 15.04 -25.90
C VAL A 331 29.80 15.93 -25.64
N ARG A 332 30.17 16.74 -26.63
CA ARG A 332 31.36 17.58 -26.48
C ARG A 332 31.25 18.49 -25.26
N ARG A 333 30.09 19.12 -25.06
CA ARG A 333 29.94 20.02 -23.93
C ARG A 333 29.89 19.26 -22.62
N SER A 334 29.38 18.03 -22.63
CA SER A 334 29.34 17.21 -21.42
C SER A 334 30.74 16.76 -21.03
N VAL A 335 31.60 16.48 -22.01
CA VAL A 335 32.96 16.06 -21.70
C VAL A 335 33.70 17.19 -21.00
N GLU A 336 33.48 18.44 -21.44
CA GLU A 336 34.10 19.58 -20.80
C GLU A 336 33.70 19.69 -19.32
N TYR A 337 32.38 19.70 -19.05
CA TYR A 337 31.91 19.71 -17.66
C TYR A 337 32.56 18.60 -16.83
N ALA A 338 32.64 17.39 -17.40
CA ALA A 338 33.14 16.27 -16.64
C ALA A 338 34.64 16.40 -16.36
N LYS A 339 35.40 16.92 -17.33
CA LYS A 339 36.83 17.10 -17.13
C LYS A 339 37.14 18.21 -16.13
N LYS A 340 36.19 19.12 -15.87
CA LYS A 340 36.43 20.27 -15.02
C LYS A 340 35.87 20.13 -13.60
N ARG A 341 35.13 19.06 -13.32
CA ARG A 341 34.49 18.87 -12.01
C ARG A 341 35.52 18.51 -10.94
N PRO A 342 35.67 19.30 -9.87
CA PRO A 342 36.73 19.03 -8.88
C PRO A 342 36.42 17.80 -8.02
N VAL A 343 37.42 16.95 -7.86
CA VAL A 343 37.31 15.71 -7.10
C VAL A 343 38.38 15.71 -6.01
N GLY A 344 38.00 15.43 -4.77
CA GLY A 344 39.00 15.37 -3.71
C GLY A 344 38.40 15.38 -2.33
N ASP A 345 39.17 15.93 -1.38
CA ASP A 345 38.82 15.97 0.03
C ASP A 345 37.46 16.62 0.21
N PRO A 346 36.46 15.90 0.73
CA PRO A 346 35.11 16.48 0.84
C PRO A 346 35.03 17.68 1.77
N PHE A 347 35.96 17.84 2.71
CA PHE A 347 35.89 19.02 3.56
C PHE A 347 36.50 20.27 2.94
N ASP A 348 36.93 20.21 1.67
CA ASP A 348 37.48 21.36 0.97
C ASP A 348 36.36 22.10 0.26
N VAL A 349 36.33 23.43 0.40
CA VAL A 349 35.34 24.29 -0.23
C VAL A 349 35.11 23.94 -1.69
N LYS A 350 36.19 23.60 -2.40
CA LYS A 350 36.16 23.46 -3.84
C LYS A 350 35.62 22.11 -4.32
N THR A 351 35.58 21.10 -3.46
CA THR A 351 35.25 19.76 -3.93
C THR A 351 33.77 19.66 -4.31
N GLU A 352 33.52 19.13 -5.50
CA GLU A 352 32.17 18.76 -5.91
C GLU A 352 31.95 17.26 -5.88
N GLN A 353 33.02 16.46 -5.85
CA GLN A 353 32.89 15.01 -5.85
C GLN A 353 33.88 14.44 -4.84
N GLY A 354 33.35 13.77 -3.84
CA GLY A 354 34.18 13.07 -2.88
C GLY A 354 34.41 11.65 -3.33
N PRO A 355 34.77 10.77 -2.41
CA PRO A 355 35.05 9.38 -2.78
C PRO A 355 33.78 8.55 -2.82
N GLN A 356 33.89 7.40 -3.44
CA GLN A 356 32.80 6.44 -3.37
C GLN A 356 32.70 5.89 -1.93
N ILE A 357 31.57 5.24 -1.64
CA ILE A 357 31.21 4.97 -0.25
C ILE A 357 32.14 3.93 0.36
N ASP A 358 32.41 2.84 -0.36
CA ASP A 358 33.25 1.80 0.21
C ASP A 358 33.86 1.00 -0.94
N GLN A 359 34.74 0.06 -0.56
CA GLN A 359 35.47 -0.72 -1.54
C GLN A 359 34.51 -1.51 -2.43
N LYS A 360 33.42 -2.03 -1.86
CA LYS A 360 32.47 -2.81 -2.64
C LYS A 360 31.94 -2.01 -3.84
N GLN A 361 31.40 -0.81 -3.58
CA GLN A 361 30.84 -0.01 -4.66
C GLN A 361 31.92 0.41 -5.64
N PHE A 362 33.06 0.89 -5.12
CA PHE A 362 34.19 1.29 -5.95
C PHE A 362 34.51 0.22 -6.99
N ASP A 363 34.50 -1.05 -6.59
CA ASP A 363 34.84 -2.11 -7.52
C ASP A 363 33.72 -2.33 -8.55
N LYS A 364 32.46 -2.27 -8.10
CA LYS A 364 31.34 -2.49 -9.01
C LYS A 364 31.31 -1.46 -10.13
N ILE A 365 31.60 -0.19 -9.80
CA ILE A 365 31.59 0.87 -10.80
C ILE A 365 32.70 0.66 -11.83
N LEU A 366 33.90 0.28 -11.37
CA LEU A 366 35.00 0.05 -12.30
C LEU A 366 34.74 -1.16 -13.18
N GLU A 367 34.01 -2.16 -12.66
CA GLU A 367 33.64 -3.28 -13.52
C GLU A 367 32.65 -2.84 -14.58
N LEU A 368 31.68 -2.01 -14.21
CA LEU A 368 30.72 -1.52 -15.21
C LEU A 368 31.42 -0.66 -16.25
N ILE A 369 32.38 0.15 -15.84
CA ILE A 369 33.13 0.95 -16.79
C ILE A 369 33.80 0.05 -17.82
N GLU A 370 34.44 -1.03 -17.35
CA GLU A 370 35.12 -1.95 -18.27
C GLU A 370 34.15 -2.61 -19.23
N SER A 371 32.99 -3.06 -18.73
CA SER A 371 31.97 -3.57 -19.63
C SER A 371 31.63 -2.54 -20.70
N GLY A 372 31.56 -1.27 -20.32
CA GLY A 372 31.36 -0.19 -21.27
C GLY A 372 32.33 -0.28 -22.43
N LYS A 373 33.63 -0.27 -22.14
CA LYS A 373 34.64 -0.37 -23.18
C LYS A 373 34.49 -1.67 -23.95
N LYS A 374 34.35 -2.79 -23.22
CA LYS A 374 34.31 -4.10 -23.85
C LYS A 374 33.09 -4.27 -24.74
N GLU A 375 31.98 -3.60 -24.44
CA GLU A 375 30.76 -3.74 -25.21
C GLU A 375 30.66 -2.75 -26.35
N GLY A 376 31.67 -1.91 -26.57
CA GLY A 376 31.72 -1.07 -27.74
C GLY A 376 31.37 0.39 -27.55
N ALA A 377 30.99 0.80 -26.34
CA ALA A 377 30.73 2.21 -26.09
C ALA A 377 32.03 3.01 -26.22
N LYS A 378 31.89 4.22 -26.74
CA LYS A 378 33.03 5.11 -26.96
C LYS A 378 33.34 5.89 -25.68
N LEU A 379 34.53 5.66 -25.12
CA LEU A 379 34.94 6.33 -23.89
C LEU A 379 35.41 7.75 -24.21
N GLU A 380 34.70 8.74 -23.67
CA GLU A 380 34.98 10.14 -23.95
C GLU A 380 35.88 10.81 -22.92
N CYS A 381 35.90 10.35 -21.68
CA CYS A 381 36.81 10.89 -20.66
C CYS A 381 36.76 9.98 -19.44
N GLY A 382 37.75 10.15 -18.55
CA GLY A 382 37.86 9.36 -17.34
C GLY A 382 38.04 7.87 -17.61
N GLY A 383 37.44 7.05 -16.75
CA GLY A 383 37.42 5.62 -16.95
C GLY A 383 38.43 4.81 -16.16
N SER A 384 38.80 5.24 -14.96
CA SER A 384 39.73 4.53 -14.09
C SER A 384 39.72 5.22 -12.72
N ALA A 385 40.45 4.64 -11.78
CA ALA A 385 40.64 5.30 -10.49
C ALA A 385 41.36 6.62 -10.70
N MET A 386 41.30 7.49 -9.67
CA MET A 386 41.85 8.82 -9.84
C MET A 386 43.33 8.87 -9.49
N GLU A 387 43.78 8.13 -8.48
CA GLU A 387 45.16 8.24 -8.04
C GLU A 387 45.56 7.05 -7.18
N ASP A 388 44.74 5.99 -7.20
CA ASP A 388 44.95 4.84 -6.33
C ASP A 388 44.91 5.27 -4.87
N LYS A 389 45.00 4.28 -3.95
CA LYS A 389 44.96 4.51 -2.51
C LYS A 389 43.59 4.97 -2.04
N GLY A 390 42.93 5.84 -2.80
CA GLY A 390 41.61 6.34 -2.44
C GLY A 390 40.51 5.67 -3.25
N LEU A 391 39.29 5.85 -2.75
CA LEU A 391 38.09 5.34 -3.41
C LEU A 391 37.53 6.32 -4.45
N PHE A 392 38.37 7.19 -5.00
CA PHE A 392 37.92 8.18 -5.98
C PHE A 392 37.97 7.58 -7.38
N ILE A 393 36.96 7.92 -8.18
CA ILE A 393 36.87 7.49 -9.57
C ILE A 393 36.80 8.73 -10.45
N LYS A 394 37.59 8.74 -11.53
CA LYS A 394 37.52 9.85 -12.48
C LYS A 394 36.12 9.96 -13.06
N PRO A 395 35.54 11.15 -13.15
CA PRO A 395 34.25 11.30 -13.86
C PRO A 395 34.37 10.82 -15.30
N THR A 396 33.40 10.00 -15.71
CA THR A 396 33.47 9.20 -16.93
C THR A 396 32.25 9.45 -17.81
N VAL A 397 32.48 9.68 -19.10
CA VAL A 397 31.42 9.87 -20.09
C VAL A 397 31.58 8.80 -21.17
N PHE A 398 30.49 8.14 -21.52
CA PHE A 398 30.42 7.23 -22.66
C PHE A 398 29.44 7.81 -23.67
N SER A 399 29.82 7.81 -24.94
CA SER A 399 28.90 8.06 -26.04
C SER A 399 28.69 6.74 -26.77
N GLU A 400 27.89 6.79 -27.84
CA GLU A 400 27.64 5.64 -28.69
C GLU A 400 27.00 4.50 -27.92
N VAL A 401 26.18 4.81 -26.91
CA VAL A 401 25.62 3.79 -26.04
C VAL A 401 24.27 3.32 -26.59
N THR A 402 24.03 2.02 -26.55
CA THR A 402 22.80 1.42 -27.06
C THR A 402 22.06 0.73 -25.91
N ASP A 403 20.79 0.41 -26.18
CA ASP A 403 19.88 0.00 -25.11
C ASP A 403 20.35 -1.28 -24.43
N ASN A 404 20.78 -2.27 -25.20
CA ASN A 404 21.15 -3.55 -24.61
C ASN A 404 22.57 -3.59 -24.04
N MET A 405 23.28 -2.46 -23.98
CA MET A 405 24.54 -2.45 -23.27
C MET A 405 24.31 -2.51 -21.77
N ARG A 406 25.34 -2.98 -21.04
CA ARG A 406 25.19 -3.11 -19.60
C ARG A 406 25.13 -1.74 -18.93
N ILE A 407 25.96 -0.80 -19.38
CA ILE A 407 25.96 0.53 -18.76
C ILE A 407 24.65 1.26 -18.99
N ALA A 408 23.84 0.80 -19.94
CA ALA A 408 22.52 1.37 -20.17
C ALA A 408 21.41 0.65 -19.41
N LYS A 409 21.68 -0.53 -18.84
CA LYS A 409 20.64 -1.35 -18.22
C LYS A 409 20.76 -1.46 -16.71
N GLU A 410 21.92 -1.17 -16.15
CA GLU A 410 22.16 -1.40 -14.72
C GLU A 410 22.41 -0.09 -14.02
N GLU A 411 21.86 0.02 -12.81
CA GLU A 411 22.17 1.14 -11.93
C GLU A 411 23.64 1.12 -11.60
N ILE A 412 24.35 2.20 -11.94
CA ILE A 412 25.79 2.23 -11.71
C ILE A 412 26.13 2.78 -10.33
N PHE A 413 25.34 3.72 -9.82
CA PHE A 413 25.61 4.36 -8.53
C PHE A 413 27.04 4.90 -8.49
N GLY A 414 27.47 5.46 -9.62
CA GLY A 414 28.80 6.00 -9.77
C GLY A 414 28.86 7.10 -10.81
N PRO A 415 29.97 7.82 -10.86
CA PRO A 415 30.09 8.94 -11.82
C PRO A 415 30.32 8.48 -13.27
N VAL A 416 29.26 7.97 -13.90
CA VAL A 416 29.32 7.47 -15.27
C VAL A 416 28.10 8.00 -16.02
N GLN A 417 28.34 8.78 -17.08
CA GLN A 417 27.25 9.35 -17.87
C GLN A 417 27.15 8.64 -19.22
N PRO A 418 26.18 7.74 -19.40
CA PRO A 418 26.01 7.11 -20.71
C PRO A 418 25.04 7.89 -21.58
N ILE A 419 25.45 8.25 -22.79
CA ILE A 419 24.69 9.12 -23.68
C ILE A 419 24.22 8.30 -24.88
N LEU A 420 22.91 8.14 -25.01
CA LEU A 420 22.29 7.44 -26.14
C LEU A 420 21.69 8.46 -27.10
N LYS A 421 21.41 8.00 -28.31
CA LYS A 421 20.89 8.84 -29.38
C LYS A 421 19.48 8.39 -29.71
N PHE A 422 18.59 9.33 -30.05
CA PHE A 422 17.26 8.97 -30.50
C PHE A 422 16.81 9.90 -31.62
N LYS A 423 15.79 9.45 -32.36
CA LYS A 423 15.25 10.16 -33.52
C LYS A 423 13.90 10.81 -33.26
N SER A 424 12.92 10.07 -32.74
CA SER A 424 11.57 10.59 -32.60
C SER A 424 11.10 10.53 -31.15
N ILE A 425 10.15 11.41 -30.83
CA ILE A 425 9.52 11.42 -29.52
C ILE A 425 8.88 10.07 -29.23
N GLU A 426 8.14 9.54 -30.21
CA GLU A 426 7.48 8.26 -30.04
C GLU A 426 8.50 7.16 -29.74
N GLU A 427 9.63 7.19 -30.45
CA GLU A 427 10.67 6.19 -30.19
C GLU A 427 11.24 6.33 -28.79
N VAL A 428 11.49 7.56 -28.34
CA VAL A 428 12.17 7.72 -27.06
C VAL A 428 11.21 7.46 -25.90
N ILE A 429 9.91 7.66 -26.08
CA ILE A 429 8.94 7.25 -25.06
C ILE A 429 9.02 5.73 -24.85
N LYS A 430 9.12 4.97 -25.94
CA LYS A 430 9.14 3.51 -25.83
C LYS A 430 10.42 3.04 -25.16
N ARG A 431 11.56 3.61 -25.58
CA ARG A 431 12.82 3.19 -24.98
C ARG A 431 12.96 3.64 -23.55
N ALA A 432 12.41 4.81 -23.21
CA ALA A 432 12.42 5.28 -21.83
C ALA A 432 11.55 4.42 -20.92
N ASN A 433 10.42 3.92 -21.43
CA ASN A 433 9.50 3.15 -20.61
C ASN A 433 9.81 1.65 -20.58
N SER A 434 10.69 1.15 -21.45
CA SER A 434 10.88 -0.29 -21.56
C SER A 434 11.80 -0.81 -20.46
N THR A 435 11.60 -0.31 -19.26
CA THR A 435 12.34 -0.70 -18.10
C THR A 435 11.34 -1.17 -17.06
N ASP A 436 11.82 -1.95 -16.09
CA ASP A 436 10.99 -2.32 -14.95
C ASP A 436 10.93 -1.24 -13.89
N TYR A 437 11.57 -0.10 -14.11
CA TYR A 437 11.70 0.93 -13.10
C TYR A 437 10.96 2.19 -13.55
N GLY A 438 10.85 3.15 -12.66
CA GLY A 438 10.07 4.33 -12.94
C GLY A 438 10.08 5.32 -11.79
N LEU A 439 11.28 5.70 -11.35
CA LEU A 439 11.35 6.64 -10.25
C LEU A 439 11.23 8.09 -10.75
N THR A 440 12.16 8.50 -11.61
CA THR A 440 12.15 9.85 -12.13
C THR A 440 12.44 9.82 -13.61
N ALA A 441 12.18 10.97 -14.24
CA ALA A 441 12.58 11.26 -15.61
C ALA A 441 12.74 12.77 -15.74
N ALA A 442 13.48 13.19 -16.76
CA ALA A 442 13.67 14.60 -17.04
C ALA A 442 13.57 14.83 -18.55
N VAL A 443 12.94 15.92 -18.91
CA VAL A 443 12.72 16.30 -20.30
C VAL A 443 13.22 17.72 -20.47
N PHE A 444 13.95 17.97 -21.56
CA PHE A 444 14.48 19.28 -21.87
C PHE A 444 14.03 19.64 -23.27
N THR A 445 13.10 20.60 -23.34
CA THR A 445 12.52 21.06 -24.58
C THR A 445 11.96 22.45 -24.33
N LYS A 446 11.92 23.24 -25.39
CA LYS A 446 11.24 24.53 -25.34
C LYS A 446 9.80 24.45 -25.85
N ASN A 447 9.40 23.31 -26.41
CA ASN A 447 8.10 23.14 -27.05
C ASN A 447 7.04 22.67 -26.05
N LEU A 448 5.93 23.42 -25.98
CA LEU A 448 4.88 23.17 -24.99
C LEU A 448 4.24 21.80 -25.16
N ASP A 449 3.84 21.47 -26.39
CA ASP A 449 3.21 20.17 -26.65
C ASP A 449 4.16 19.02 -26.34
N LYS A 450 5.42 19.11 -26.79
CA LYS A 450 6.39 18.05 -26.53
C LYS A 450 6.55 17.80 -25.04
N ALA A 451 6.79 18.88 -24.29
CA ALA A 451 6.93 18.80 -22.84
C ALA A 451 5.77 18.03 -22.21
N LEU A 452 4.55 18.41 -22.54
CA LEU A 452 3.39 17.83 -21.87
C LEU A 452 3.04 16.46 -22.42
N LYS A 453 3.27 16.21 -23.72
CA LYS A 453 3.13 14.85 -24.25
C LYS A 453 4.08 13.88 -23.56
N LEU A 454 5.32 14.31 -23.31
CA LEU A 454 6.26 13.45 -22.61
C LEU A 454 5.94 13.33 -21.13
N ALA A 455 5.52 14.42 -20.50
CA ALA A 455 5.22 14.36 -19.07
C ALA A 455 4.14 13.31 -18.79
N SER A 456 3.14 13.23 -19.67
CA SER A 456 2.05 12.29 -19.41
C SER A 456 2.40 10.87 -19.84
N ALA A 457 3.26 10.69 -20.85
CA ALA A 457 3.54 9.37 -21.38
C ALA A 457 4.65 8.63 -20.63
N LEU A 458 5.61 9.35 -20.04
CA LEU A 458 6.71 8.72 -19.32
C LEU A 458 6.20 8.08 -18.04
N GLU A 459 6.47 6.80 -17.85
CA GLU A 459 5.99 6.07 -16.67
C GLU A 459 6.99 6.24 -15.54
N SER A 460 6.96 7.43 -14.94
CA SER A 460 7.91 7.82 -13.90
C SER A 460 7.19 8.62 -12.83
N GLY A 461 7.55 8.39 -11.56
CA GLY A 461 6.90 9.04 -10.45
C GLY A 461 7.09 10.55 -10.41
N THR A 462 8.18 11.04 -11.00
CA THR A 462 8.44 12.46 -11.11
C THR A 462 9.01 12.71 -12.48
N VAL A 463 8.43 13.66 -13.20
CA VAL A 463 8.95 14.08 -14.49
C VAL A 463 9.35 15.53 -14.34
N TRP A 464 10.64 15.80 -14.42
CA TRP A 464 11.18 17.15 -14.42
C TRP A 464 11.21 17.67 -15.83
N ILE A 465 10.92 18.97 -15.98
CA ILE A 465 10.94 19.61 -17.29
C ILE A 465 11.84 20.83 -17.20
N ASN A 466 12.94 20.80 -17.96
CA ASN A 466 13.95 21.87 -17.98
C ASN A 466 14.53 22.14 -16.60
N CYS A 467 14.66 21.07 -15.82
CA CYS A 467 15.35 21.10 -14.53
C CYS A 467 15.71 19.68 -14.18
N TYR A 468 16.46 19.53 -13.09
CA TYR A 468 16.81 18.21 -12.58
C TYR A 468 17.01 18.26 -11.08
N ASN A 469 16.61 17.18 -10.40
CA ASN A 469 16.75 17.08 -8.95
C ASN A 469 16.02 18.20 -8.21
N ALA A 470 14.89 18.67 -8.76
CA ALA A 470 14.09 19.72 -8.15
C ALA A 470 13.09 19.07 -7.19
N LEU A 471 13.46 18.99 -5.92
CA LEU A 471 12.64 18.32 -4.93
C LEU A 471 12.02 19.35 -4.00
N TYR A 472 10.80 19.08 -3.56
CA TYR A 472 10.12 19.93 -2.61
C TYR A 472 9.44 19.08 -1.55
N ALA A 473 9.52 19.55 -0.30
CA ALA A 473 8.82 18.85 0.78
C ALA A 473 7.34 18.71 0.48
N GLN A 474 6.78 19.63 -0.32
CA GLN A 474 5.38 19.65 -0.62
C GLN A 474 5.01 18.88 -1.89
N ALA A 475 6.00 18.37 -2.64
CA ALA A 475 5.71 17.57 -3.83
C ALA A 475 6.01 16.10 -3.58
N PRO A 476 5.05 15.21 -3.82
CA PRO A 476 5.30 13.78 -3.55
C PRO A 476 6.39 13.22 -4.44
N PHE A 477 7.07 12.19 -3.93
CA PHE A 477 8.18 11.53 -4.62
C PHE A 477 8.14 10.03 -4.36
N GLY A 478 8.37 9.25 -5.42
CA GLY A 478 8.22 7.81 -5.37
C GLY A 478 8.15 7.22 -6.76
N GLY A 479 8.14 5.89 -6.81
CA GLY A 479 8.30 5.18 -8.07
C GLY A 479 7.03 4.56 -8.63
N PHE A 480 6.95 4.53 -9.96
CA PHE A 480 6.12 3.57 -10.67
C PHE A 480 6.82 2.21 -10.68
N LYS A 481 6.04 1.17 -11.02
CA LYS A 481 6.53 -0.20 -11.29
C LYS A 481 7.46 -0.66 -10.16
N MET A 482 8.63 -1.20 -10.45
CA MET A 482 9.51 -1.73 -9.40
C MET A 482 10.39 -0.66 -8.78
N SER A 483 10.06 0.61 -8.97
CA SER A 483 10.76 1.66 -8.27
C SER A 483 10.14 2.02 -6.93
N GLY A 484 8.96 1.51 -6.62
CA GLY A 484 8.48 1.68 -5.27
C GLY A 484 7.00 1.44 -5.15
N ASN A 485 6.56 1.47 -3.89
CA ASN A 485 5.15 1.51 -3.50
C ASN A 485 4.98 2.73 -2.61
N GLY A 486 3.96 3.54 -2.88
CA GLY A 486 3.62 4.67 -2.02
C GLY A 486 4.49 5.89 -2.33
N ARG A 487 4.25 6.96 -1.59
CA ARG A 487 4.96 8.21 -1.85
C ARG A 487 5.50 8.77 -0.55
N GLU A 488 6.58 9.52 -0.66
CA GLU A 488 7.05 10.32 0.44
C GLU A 488 6.99 11.78 0.00
N LEU A 489 6.95 12.69 1.01
CA LEU A 489 6.80 14.13 0.78
C LEU A 489 5.38 14.47 0.34
N GLY A 490 5.00 15.75 0.44
CA GLY A 490 3.70 16.21 0.04
C GLY A 490 2.57 15.72 0.93
N GLU A 491 1.35 16.17 0.64
CA GLU A 491 0.22 15.71 1.41
C GLU A 491 0.09 14.19 1.31
N TYR A 492 0.53 13.60 0.20
CA TYR A 492 0.41 12.15 -0.01
C TYR A 492 1.23 11.33 0.99
N ALA A 493 2.30 11.90 1.57
CA ALA A 493 3.02 11.13 2.57
C ALA A 493 2.10 10.76 3.73
N LEU A 494 1.12 11.62 4.05
CA LEU A 494 0.20 11.37 5.16
C LEU A 494 -0.59 10.07 4.99
N ALA A 495 -0.90 9.71 3.74
CA ALA A 495 -1.67 8.47 3.52
C ALA A 495 -0.86 7.25 3.93
N GLU A 496 0.48 7.32 3.87
CA GLU A 496 1.23 6.15 4.31
C GLU A 496 1.16 5.96 5.82
N TYR A 497 0.84 7.03 6.56
CA TYR A 497 1.03 7.05 8.02
C TYR A 497 -0.29 7.12 8.78
N THR A 498 -1.41 6.77 8.13
CA THR A 498 -2.71 6.88 8.76
C THR A 498 -3.61 5.75 8.25
N GLU A 499 -4.61 5.42 9.07
CA GLU A 499 -5.50 4.30 8.80
C GLU A 499 -6.92 4.83 8.75
N VAL A 500 -7.67 4.49 7.71
CA VAL A 500 -9.01 5.03 7.53
C VAL A 500 -10.02 4.24 8.34
N LYS A 501 -10.82 4.95 9.12
CA LYS A 501 -11.87 4.35 9.91
C LYS A 501 -13.20 4.99 9.53
N THR A 502 -14.18 4.17 9.19
CA THR A 502 -15.54 4.66 8.94
C THR A 502 -16.36 4.51 10.21
N VAL A 503 -16.94 5.62 10.68
CA VAL A 503 -17.92 5.60 11.78
C VAL A 503 -19.29 5.90 11.20
N THR A 504 -20.26 5.01 11.45
CA THR A 504 -21.58 5.06 10.81
C THR A 504 -22.68 4.94 11.87
N ILE A 505 -23.36 6.04 12.16
CA ILE A 505 -24.29 6.14 13.28
C ILE A 505 -25.69 6.19 12.70
N LYS A 506 -26.53 5.27 13.09
CA LYS A 506 -27.94 5.32 12.71
C LYS A 506 -28.72 5.96 13.85
N LEU A 507 -29.41 7.05 13.54
CA LEU A 507 -30.30 7.69 14.50
C LEU A 507 -31.62 6.93 14.64
N GLY A 508 -32.02 6.67 15.87
CA GLY A 508 -33.38 6.24 16.13
C GLY A 508 -34.37 7.33 15.76
N ASN B 26 -35.73 -23.03 -12.91
CA ASN B 26 -35.46 -23.62 -14.22
C ASN B 26 -34.74 -22.66 -15.14
N LEU B 27 -33.52 -22.27 -14.79
CA LEU B 27 -32.79 -21.24 -15.53
C LEU B 27 -31.55 -21.87 -16.17
N GLU B 28 -31.40 -21.66 -17.48
CA GLU B 28 -30.26 -22.19 -18.22
C GLU B 28 -29.06 -21.26 -18.14
N VAL B 29 -27.88 -21.85 -18.01
CA VAL B 29 -26.63 -21.12 -17.91
C VAL B 29 -26.08 -20.93 -19.32
N LYS B 30 -26.07 -19.69 -19.80
CA LYS B 30 -25.54 -19.39 -21.13
C LYS B 30 -24.03 -19.20 -21.16
N PHE B 31 -23.41 -18.70 -20.11
CA PHE B 31 -22.01 -18.29 -20.20
C PHE B 31 -21.13 -19.20 -19.34
N THR B 32 -20.33 -20.02 -19.98
CA THR B 32 -19.48 -20.94 -19.24
C THR B 32 -18.02 -20.84 -19.66
N LYS B 33 -17.63 -19.81 -20.40
CA LYS B 33 -16.33 -19.82 -21.06
C LYS B 33 -15.42 -18.69 -20.56
N ILE B 34 -14.16 -18.78 -20.96
CA ILE B 34 -13.17 -17.76 -20.65
C ILE B 34 -13.45 -16.51 -21.48
N PHE B 35 -13.34 -15.34 -20.87
CA PHE B 35 -13.71 -14.07 -21.50
C PHE B 35 -12.44 -13.24 -21.70
N ILE B 36 -12.00 -13.15 -22.95
CA ILE B 36 -10.83 -12.37 -23.34
C ILE B 36 -11.17 -11.61 -24.62
N ASN B 37 -10.89 -10.30 -24.63
CA ASN B 37 -11.17 -9.45 -25.79
C ASN B 37 -12.63 -9.49 -26.22
N ASN B 38 -13.54 -9.44 -25.24
CA ASN B 38 -14.98 -9.53 -25.50
C ASN B 38 -15.35 -10.77 -26.33
N GLU B 39 -14.49 -11.80 -26.32
CA GLU B 39 -14.75 -13.07 -27.00
C GLU B 39 -14.77 -14.19 -25.97
N TRP B 40 -15.55 -15.24 -26.27
CA TRP B 40 -15.66 -16.41 -25.41
C TRP B 40 -14.68 -17.49 -25.88
N HIS B 41 -13.86 -17.99 -24.95
CA HIS B 41 -12.81 -18.93 -25.30
C HIS B 41 -12.91 -20.19 -24.48
N GLU B 42 -12.69 -21.33 -25.14
CA GLU B 42 -12.33 -22.55 -24.44
C GLU B 42 -10.96 -22.39 -23.80
N SER B 43 -10.71 -23.20 -22.77
CA SER B 43 -9.41 -23.18 -22.12
C SER B 43 -8.34 -23.78 -23.03
N LYS B 44 -7.12 -23.27 -22.91
CA LYS B 44 -6.02 -23.76 -23.73
C LYS B 44 -5.83 -25.26 -23.56
N SER B 45 -6.00 -25.75 -22.35
CA SER B 45 -5.85 -27.17 -22.07
C SER B 45 -7.04 -28.00 -22.51
N GLY B 46 -8.20 -27.40 -22.71
CA GLY B 46 -9.43 -28.16 -22.87
C GLY B 46 -10.06 -28.61 -21.57
N LYS B 47 -9.38 -28.45 -20.43
CA LYS B 47 -9.93 -28.92 -19.18
C LYS B 47 -11.13 -28.07 -18.75
N LYS B 48 -12.08 -28.71 -18.08
CA LYS B 48 -13.27 -28.05 -17.56
C LYS B 48 -13.49 -28.50 -16.12
N PHE B 49 -14.25 -27.70 -15.37
CA PHE B 49 -14.59 -28.07 -14.01
C PHE B 49 -16.08 -27.87 -13.79
N ALA B 50 -16.64 -28.66 -12.88
CA ALA B 50 -18.07 -28.61 -12.59
C ALA B 50 -18.33 -27.61 -11.48
N THR B 51 -19.43 -26.88 -11.62
CA THR B 51 -19.99 -26.07 -10.56
C THR B 51 -21.33 -26.67 -10.16
N CYS B 52 -21.60 -26.73 -8.86
CA CYS B 52 -22.74 -27.45 -8.34
C CYS B 52 -23.61 -26.54 -7.49
N ASN B 53 -24.92 -26.74 -7.61
CA ASN B 53 -25.90 -26.15 -6.70
C ASN B 53 -25.71 -26.73 -5.31
N PRO B 54 -25.35 -25.92 -4.30
CA PRO B 54 -25.13 -26.50 -2.96
C PRO B 54 -26.41 -26.90 -2.24
N SER B 55 -27.58 -26.57 -2.80
CA SER B 55 -28.84 -26.92 -2.15
C SER B 55 -29.46 -28.16 -2.77
N THR B 56 -29.50 -28.26 -4.10
CA THR B 56 -29.91 -29.50 -4.74
C THR B 56 -28.79 -30.53 -4.75
N ARG B 57 -27.56 -30.10 -4.46
CA ARG B 57 -26.33 -30.89 -4.50
C ARG B 57 -26.00 -31.40 -5.91
N GLU B 58 -26.81 -31.07 -6.91
CA GLU B 58 -26.61 -31.51 -8.29
C GLU B 58 -25.64 -30.58 -9.03
N GLN B 59 -25.07 -31.09 -10.11
CA GLN B 59 -24.15 -30.30 -10.92
C GLN B 59 -24.91 -29.38 -11.87
N ILE B 60 -24.58 -28.08 -11.84
CA ILE B 60 -25.24 -27.10 -12.69
C ILE B 60 -24.76 -27.21 -14.12
N CYS B 61 -23.46 -27.11 -14.33
CA CYS B 61 -22.87 -27.15 -15.66
C CYS B 61 -21.36 -27.34 -15.49
N GLU B 62 -20.63 -27.28 -16.58
CA GLU B 62 -19.18 -27.25 -16.52
C GLU B 62 -18.71 -25.90 -17.06
N VAL B 63 -17.60 -25.43 -16.48
CA VAL B 63 -16.98 -24.15 -16.82
C VAL B 63 -15.57 -24.44 -17.32
N GLU B 64 -15.12 -23.67 -18.30
CA GLU B 64 -13.74 -23.80 -18.77
C GLU B 64 -12.81 -23.57 -17.59
N GLU B 65 -11.82 -24.45 -17.43
CA GLU B 65 -10.82 -24.32 -16.39
C GLU B 65 -9.59 -23.67 -16.99
N GLY B 66 -9.33 -22.43 -16.59
CA GLY B 66 -8.15 -21.75 -17.03
C GLY B 66 -6.91 -22.19 -16.26
N ASP B 67 -5.75 -21.94 -16.84
CA ASP B 67 -4.50 -22.07 -16.12
C ASP B 67 -3.60 -20.93 -16.58
N LYS B 68 -2.30 -21.07 -16.29
CA LYS B 68 -1.34 -20.03 -16.62
C LYS B 68 -1.35 -19.59 -18.08
N PRO B 69 -1.39 -20.48 -19.07
CA PRO B 69 -1.54 -20.01 -20.46
C PRO B 69 -2.69 -19.04 -20.68
N ASP B 70 -3.88 -19.36 -20.15
CA ASP B 70 -5.04 -18.49 -20.34
C ASP B 70 -4.88 -17.15 -19.62
N VAL B 71 -4.24 -17.16 -18.46
CA VAL B 71 -3.96 -15.90 -17.78
C VAL B 71 -3.06 -15.03 -18.64
N ASP B 72 -2.00 -15.62 -19.21
CA ASP B 72 -1.08 -14.89 -20.07
C ASP B 72 -1.80 -14.24 -21.24
N LYS B 73 -2.72 -14.98 -21.85
CA LYS B 73 -3.52 -14.45 -22.96
C LYS B 73 -4.37 -13.27 -22.51
N ALA B 74 -4.97 -13.38 -21.32
CA ALA B 74 -5.81 -12.31 -20.82
C ALA B 74 -4.99 -11.11 -20.37
N VAL B 75 -3.79 -11.33 -19.84
CA VAL B 75 -2.97 -10.20 -19.43
C VAL B 75 -2.49 -9.43 -20.66
N GLU B 76 -2.20 -10.15 -21.75
CA GLU B 76 -1.83 -9.50 -23.00
C GLU B 76 -2.99 -8.71 -23.59
N ALA B 77 -4.20 -9.29 -23.58
CA ALA B 77 -5.36 -8.50 -23.99
C ALA B 77 -5.50 -7.24 -23.15
N ALA B 78 -5.36 -7.36 -21.83
CA ALA B 78 -5.55 -6.19 -21.00
C ALA B 78 -4.48 -5.14 -21.25
N GLN B 79 -3.25 -5.55 -21.61
CA GLN B 79 -2.23 -4.56 -21.93
C GLN B 79 -2.49 -3.91 -23.28
N VAL B 80 -2.87 -4.69 -24.28
CA VAL B 80 -3.17 -4.04 -25.56
C VAL B 80 -4.28 -3.02 -25.37
N ALA B 81 -5.23 -3.32 -24.49
CA ALA B 81 -6.32 -2.39 -24.24
C ALA B 81 -5.88 -1.15 -23.47
N PHE B 82 -4.81 -1.24 -22.69
CA PHE B 82 -4.35 -0.14 -21.86
C PHE B 82 -3.27 0.71 -22.52
N GLN B 83 -2.71 0.22 -23.62
CA GLN B 83 -1.67 0.94 -24.34
C GLN B 83 -2.11 2.36 -24.70
N ARG B 84 -1.17 3.30 -24.60
CA ARG B 84 -1.43 4.67 -25.04
C ARG B 84 -1.95 4.66 -26.47
N GLY B 85 -3.05 5.37 -26.70
CA GLY B 85 -3.65 5.45 -28.02
C GLY B 85 -4.74 4.45 -28.29
N SER B 86 -4.95 3.50 -27.39
CA SER B 86 -6.03 2.54 -27.54
C SER B 86 -7.36 3.25 -27.39
N PRO B 87 -8.44 2.67 -27.92
CA PRO B 87 -9.78 3.26 -27.68
C PRO B 87 -10.07 3.56 -26.21
N TRP B 88 -9.72 2.65 -25.30
CA TRP B 88 -9.99 2.85 -23.88
C TRP B 88 -9.20 4.02 -23.31
N ARG B 89 -7.92 4.14 -23.66
CA ARG B 89 -7.17 5.28 -23.14
C ARG B 89 -7.61 6.57 -23.79
N ARG B 90 -8.23 6.50 -24.97
CA ARG B 90 -8.63 7.72 -25.68
C ARG B 90 -9.95 8.29 -25.17
N LEU B 91 -10.82 7.47 -24.60
CA LEU B 91 -12.10 7.97 -24.08
C LEU B 91 -11.91 9.16 -23.16
N ASP B 92 -12.80 10.15 -23.27
CA ASP B 92 -12.75 11.22 -22.28
C ASP B 92 -13.30 10.71 -20.94
N ALA B 93 -12.91 11.41 -19.87
CA ALA B 93 -13.17 10.91 -18.52
C ALA B 93 -14.65 10.64 -18.31
N LEU B 94 -15.51 11.46 -18.89
CA LEU B 94 -16.93 11.36 -18.63
C LEU B 94 -17.59 10.21 -19.40
N SER B 95 -16.98 9.81 -20.52
CA SER B 95 -17.43 8.61 -21.22
C SER B 95 -17.13 7.35 -20.42
N ARG B 96 -16.03 7.33 -19.64
CA ARG B 96 -15.85 6.17 -18.78
C ARG B 96 -17.00 6.07 -17.79
N GLY B 97 -17.46 7.21 -17.27
CA GLY B 97 -18.61 7.20 -16.39
C GLY B 97 -19.90 6.77 -17.09
N ARG B 98 -20.11 7.22 -18.33
CA ARG B 98 -21.32 6.80 -19.05
C ARG B 98 -21.33 5.29 -19.26
N LEU B 99 -20.16 4.70 -19.56
CA LEU B 99 -20.09 3.24 -19.74
C LEU B 99 -20.44 2.49 -18.45
N LEU B 100 -19.97 2.97 -17.29
CA LEU B 100 -20.34 2.33 -16.03
C LEU B 100 -21.83 2.45 -15.78
N HIS B 101 -22.42 3.61 -16.10
CA HIS B 101 -23.86 3.76 -15.92
C HIS B 101 -24.62 2.83 -16.87
N GLN B 102 -24.10 2.64 -18.09
CA GLN B 102 -24.69 1.67 -19.01
C GLN B 102 -24.61 0.26 -18.44
N LEU B 103 -23.48 -0.09 -17.80
CA LEU B 103 -23.35 -1.41 -17.18
C LEU B 103 -24.30 -1.57 -16.00
N ALA B 104 -24.66 -0.49 -15.33
CA ALA B 104 -25.65 -0.60 -14.27
C ALA B 104 -27.04 -0.81 -14.85
N ASP B 105 -27.38 -0.12 -15.95
CA ASP B 105 -28.70 -0.28 -16.53
C ASP B 105 -28.95 -1.75 -16.91
N LEU B 106 -27.95 -2.38 -17.54
CA LEU B 106 -28.00 -3.79 -17.92
C LEU B 106 -28.11 -4.72 -16.73
N VAL B 107 -27.27 -4.48 -15.71
CA VAL B 107 -27.35 -5.29 -14.50
C VAL B 107 -28.70 -5.14 -13.86
N GLU B 108 -29.23 -3.94 -13.93
CA GLU B 108 -30.55 -3.68 -13.37
C GLU B 108 -31.60 -4.41 -14.18
N ARG B 109 -31.40 -4.46 -15.51
CA ARG B 109 -32.35 -5.13 -16.41
C ARG B 109 -32.37 -6.63 -16.14
N ASP B 110 -31.19 -7.24 -16.11
CA ASP B 110 -31.01 -8.66 -15.86
C ASP B 110 -30.79 -8.98 -14.38
N ARG B 111 -31.34 -8.13 -13.50
CA ARG B 111 -31.21 -8.31 -12.06
C ARG B 111 -31.71 -9.68 -11.60
N ALA B 112 -32.93 -10.04 -11.99
CA ALA B 112 -33.47 -11.33 -11.56
C ALA B 112 -32.62 -12.49 -12.06
N THR B 113 -32.12 -12.40 -13.31
CA THR B 113 -31.29 -13.47 -13.85
C THR B 113 -29.97 -13.55 -13.07
N LEU B 114 -29.37 -12.41 -12.76
CA LEU B 114 -28.11 -12.43 -12.01
C LEU B 114 -28.32 -13.03 -10.63
N ALA B 115 -29.34 -12.55 -9.91
CA ALA B 115 -29.60 -13.04 -8.56
C ALA B 115 -29.88 -14.55 -8.57
N ALA B 116 -30.62 -15.02 -9.58
CA ALA B 116 -30.84 -16.46 -9.72
C ALA B 116 -29.51 -17.22 -9.82
N LEU B 117 -28.64 -16.80 -10.73
CA LEU B 117 -27.35 -17.46 -10.87
C LEU B 117 -26.59 -17.44 -9.55
N GLU B 118 -26.68 -16.32 -8.81
CA GLU B 118 -26.02 -16.23 -7.51
C GLU B 118 -26.62 -17.22 -6.54
N THR B 119 -27.94 -17.39 -6.61
CA THR B 119 -28.61 -18.36 -5.74
C THR B 119 -28.19 -19.79 -6.10
N MET B 120 -28.23 -20.14 -7.39
CA MET B 120 -27.77 -21.46 -7.81
C MET B 120 -26.32 -21.74 -7.37
N ASP B 121 -25.45 -20.72 -7.46
CA ASP B 121 -24.04 -20.96 -7.22
C ASP B 121 -23.73 -21.02 -5.73
N THR B 122 -24.40 -20.19 -4.92
CA THR B 122 -24.04 -20.06 -3.52
C THR B 122 -25.03 -20.68 -2.55
N GLY B 123 -26.28 -20.87 -2.94
CA GLY B 123 -27.27 -21.36 -2.00
C GLY B 123 -27.98 -20.31 -1.17
N LYS B 124 -27.57 -19.03 -1.25
CA LYS B 124 -28.24 -18.00 -0.47
C LYS B 124 -29.65 -17.77 -1.02
N PRO B 125 -30.55 -17.25 -0.17
CA PRO B 125 -31.94 -17.05 -0.61
C PRO B 125 -32.04 -16.05 -1.75
N PHE B 126 -32.92 -16.35 -2.71
CA PHE B 126 -33.05 -15.55 -3.92
C PHE B 126 -33.37 -14.10 -3.59
N LEU B 127 -34.25 -13.86 -2.62
CA LEU B 127 -34.55 -12.49 -2.25
C LEU B 127 -33.34 -11.80 -1.65
N HIS B 128 -32.47 -12.55 -0.98
CA HIS B 128 -31.27 -11.91 -0.44
C HIS B 128 -30.36 -11.50 -1.59
N ALA B 129 -30.15 -12.40 -2.55
CA ALA B 129 -29.36 -12.05 -3.71
C ALA B 129 -29.96 -10.87 -4.44
N PHE B 130 -31.30 -10.80 -4.49
CA PHE B 130 -31.92 -9.79 -5.32
C PHE B 130 -31.87 -8.41 -4.68
N PHE B 131 -32.12 -8.33 -3.36
CA PHE B 131 -32.22 -7.04 -2.68
C PHE B 131 -30.99 -6.69 -1.86
N ILE B 132 -30.03 -7.58 -1.74
CA ILE B 132 -28.80 -7.20 -1.07
C ILE B 132 -27.70 -7.16 -2.12
N ASP B 133 -27.23 -8.33 -2.55
CA ASP B 133 -26.07 -8.41 -3.44
C ASP B 133 -26.24 -7.54 -4.68
N LEU B 134 -27.30 -7.79 -5.46
CA LEU B 134 -27.47 -7.09 -6.72
C LEU B 134 -27.70 -5.60 -6.50
N GLU B 135 -28.48 -5.26 -5.45
CA GLU B 135 -28.65 -3.86 -5.09
C GLU B 135 -27.31 -3.18 -4.80
N GLY B 136 -26.42 -3.85 -4.08
CA GLY B 136 -25.10 -3.27 -3.83
C GLY B 136 -24.28 -3.17 -5.10
N CYS B 137 -24.47 -4.11 -6.03
CA CYS B 137 -23.75 -4.06 -7.30
C CYS B 137 -24.13 -2.81 -8.08
N ILE B 138 -25.44 -2.59 -8.26
CA ILE B 138 -25.94 -1.38 -8.92
C ILE B 138 -25.46 -0.11 -8.19
N ARG B 139 -25.70 -0.02 -6.90
CA ARG B 139 -25.32 1.20 -6.21
C ARG B 139 -23.83 1.50 -6.39
N THR B 140 -22.99 0.47 -6.26
CA THR B 140 -21.53 0.65 -6.36
C THR B 140 -21.13 1.11 -7.76
N LEU B 141 -21.71 0.48 -8.77
CA LEU B 141 -21.44 0.88 -10.16
C LEU B 141 -21.86 2.32 -10.41
N ARG B 142 -23.10 2.69 -10.03
CA ARG B 142 -23.55 4.08 -10.20
C ARG B 142 -22.65 5.05 -9.41
N TYR B 143 -22.28 4.68 -8.21
CA TYR B 143 -21.51 5.63 -7.40
C TYR B 143 -20.18 5.98 -8.09
N PHE B 144 -19.38 4.97 -8.41
CA PHE B 144 -18.09 5.15 -9.09
C PHE B 144 -18.23 5.64 -10.54
N ALA B 145 -19.39 5.45 -11.20
CA ALA B 145 -19.60 6.11 -12.49
C ALA B 145 -19.44 7.62 -12.35
N GLY B 146 -20.03 8.18 -11.30
CA GLY B 146 -19.91 9.59 -11.04
C GLY B 146 -18.52 10.05 -10.58
N TRP B 147 -17.61 9.14 -10.24
CA TRP B 147 -16.24 9.58 -9.91
C TRP B 147 -15.35 9.79 -11.12
N ALA B 148 -15.73 9.28 -12.31
CA ALA B 148 -14.78 9.16 -13.41
C ALA B 148 -14.23 10.53 -13.85
N ASP B 149 -15.09 11.56 -13.99
CA ASP B 149 -14.59 12.91 -14.25
C ASP B 149 -14.37 13.75 -12.99
N LYS B 150 -14.24 13.13 -11.82
CA LYS B 150 -13.91 13.90 -10.61
C LYS B 150 -12.65 13.39 -9.93
N ILE B 151 -11.87 12.55 -10.61
CA ILE B 151 -10.57 12.10 -10.10
C ILE B 151 -9.56 13.23 -10.35
N GLN B 152 -9.21 13.97 -9.29
CA GLN B 152 -8.48 15.21 -9.45
C GLN B 152 -7.14 15.16 -8.71
N GLY B 153 -6.08 15.56 -9.39
CA GLY B 153 -4.80 15.75 -8.73
C GLY B 153 -4.69 17.14 -8.15
N LYS B 154 -3.45 17.56 -7.88
CA LYS B 154 -3.25 18.82 -7.20
C LYS B 154 -2.31 19.71 -8.00
N THR B 155 -2.50 21.01 -7.87
CA THR B 155 -1.47 21.97 -8.25
C THR B 155 -0.87 22.49 -6.96
N ILE B 156 0.46 22.54 -6.91
CA ILE B 156 1.21 22.53 -5.66
C ILE B 156 2.07 23.79 -5.68
N PRO B 157 1.97 24.66 -4.69
CA PRO B 157 2.76 25.89 -4.73
C PRO B 157 4.19 25.57 -4.26
N THR B 158 5.17 26.09 -5.00
CA THR B 158 6.58 25.84 -4.70
C THR B 158 7.38 27.14 -4.74
N ASP B 159 7.97 27.44 -5.89
CA ASP B 159 8.73 28.65 -6.14
C ASP B 159 8.03 29.52 -7.17
N ASP B 160 8.52 30.75 -7.24
CA ASP B 160 7.97 31.77 -8.13
C ASP B 160 8.08 31.38 -9.60
N ASN B 161 9.08 30.57 -9.96
CA ASN B 161 9.36 30.24 -11.35
C ASN B 161 9.16 28.74 -11.65
N VAL B 162 8.27 28.08 -10.91
CA VAL B 162 8.11 26.64 -11.01
C VAL B 162 6.62 26.30 -11.01
N VAL B 163 6.25 25.36 -11.89
CA VAL B 163 4.87 24.87 -12.05
C VAL B 163 4.88 23.40 -11.69
N CYS B 164 4.35 23.08 -10.52
CA CYS B 164 4.38 21.72 -9.98
C CYS B 164 2.95 21.23 -9.81
N PHE B 165 2.63 20.09 -10.43
CA PHE B 165 1.30 19.49 -10.28
C PHE B 165 1.39 17.97 -10.23
N THR B 166 0.33 17.32 -9.77
CA THR B 166 0.29 15.87 -9.74
C THR B 166 -0.85 15.37 -10.60
N ARG B 167 -0.60 14.22 -11.22
CA ARG B 167 -1.61 13.50 -11.98
C ARG B 167 -1.91 12.22 -11.24
N HIS B 168 -3.19 11.92 -11.08
CA HIS B 168 -3.64 10.65 -10.53
C HIS B 168 -3.93 9.74 -11.72
N GLU B 169 -2.90 9.01 -12.13
CA GLU B 169 -2.94 8.23 -13.36
C GLU B 169 -3.50 6.85 -13.09
N PRO B 170 -4.07 6.19 -14.09
CA PRO B 170 -4.42 4.77 -13.92
C PRO B 170 -3.16 3.94 -13.70
N ILE B 171 -3.28 2.91 -12.84
CA ILE B 171 -2.13 2.05 -12.55
C ILE B 171 -1.77 1.17 -13.73
N GLY B 172 -2.77 0.64 -14.43
CA GLY B 172 -2.52 -0.28 -15.50
C GLY B 172 -3.39 -1.52 -15.45
N VAL B 173 -2.79 -2.71 -15.58
CA VAL B 173 -3.55 -3.95 -15.61
C VAL B 173 -3.80 -4.39 -14.17
N CYS B 174 -5.07 -4.59 -13.82
CA CYS B 174 -5.45 -4.91 -12.45
C CYS B 174 -6.03 -6.33 -12.40
N GLY B 175 -5.53 -7.14 -11.48
CA GLY B 175 -6.12 -8.43 -11.21
C GLY B 175 -7.12 -8.33 -10.06
N ALA B 176 -8.24 -9.05 -10.19
CA ALA B 176 -9.21 -9.16 -9.11
C ALA B 176 -9.49 -10.62 -8.79
N ILE B 177 -9.34 -10.98 -7.53
CA ILE B 177 -9.50 -12.36 -7.05
C ILE B 177 -10.53 -12.29 -5.91
N THR B 178 -11.64 -13.01 -6.07
CA THR B 178 -12.76 -12.85 -5.15
C THR B 178 -13.23 -14.19 -4.61
N PRO B 179 -13.95 -14.19 -3.45
CA PRO B 179 -14.32 -15.45 -2.80
C PRO B 179 -15.72 -15.95 -3.17
N TRP B 180 -16.19 -17.05 -2.56
CA TRP B 180 -17.48 -17.65 -2.93
C TRP B 180 -18.69 -17.04 -2.22
N ASN B 181 -18.52 -16.28 -1.13
CA ASN B 181 -19.68 -15.92 -0.32
C ASN B 181 -20.50 -14.77 -0.91
N PHE B 182 -19.85 -13.78 -1.54
CA PHE B 182 -20.53 -12.65 -2.18
C PHE B 182 -19.86 -12.46 -3.54
N PRO B 183 -20.09 -13.39 -4.48
CA PRO B 183 -19.26 -13.45 -5.69
C PRO B 183 -19.30 -12.17 -6.50
N LEU B 184 -20.49 -11.84 -7.01
CA LEU B 184 -20.64 -10.67 -7.87
C LEU B 184 -20.27 -9.40 -7.13
N LEU B 185 -20.78 -9.24 -5.90
CA LEU B 185 -20.59 -8.00 -5.17
C LEU B 185 -19.11 -7.72 -4.95
N MET B 186 -18.33 -8.76 -4.65
CA MET B 186 -16.93 -8.51 -4.37
C MET B 186 -16.14 -8.25 -5.63
N LEU B 187 -16.56 -8.83 -6.76
CA LEU B 187 -15.97 -8.42 -8.05
C LEU B 187 -16.25 -6.96 -8.30
N VAL B 188 -17.53 -6.56 -8.18
CA VAL B 188 -17.97 -5.22 -8.54
C VAL B 188 -17.33 -4.15 -7.67
N TRP B 189 -17.01 -4.48 -6.40
CA TRP B 189 -16.28 -3.52 -5.55
C TRP B 189 -14.91 -3.18 -6.12
N LYS B 190 -14.36 -4.07 -6.94
CA LYS B 190 -13.10 -3.90 -7.64
C LYS B 190 -13.32 -3.32 -9.03
N LEU B 191 -14.20 -3.93 -9.82
CA LEU B 191 -14.37 -3.47 -11.17
C LEU B 191 -14.85 -2.02 -11.22
N ALA B 192 -15.71 -1.60 -10.28
CA ALA B 192 -16.31 -0.26 -10.42
C ALA B 192 -15.27 0.85 -10.27
N PRO B 193 -14.47 0.89 -9.20
CA PRO B 193 -13.44 1.94 -9.14
C PRO B 193 -12.30 1.74 -10.13
N ALA B 194 -11.99 0.50 -10.52
CA ALA B 194 -10.83 0.27 -11.40
C ALA B 194 -11.12 0.78 -12.79
N LEU B 195 -12.31 0.47 -13.33
CA LEU B 195 -12.66 1.00 -14.65
C LEU B 195 -12.83 2.52 -14.60
N CYS B 196 -13.40 3.06 -13.52
CA CYS B 196 -13.67 4.49 -13.52
C CYS B 196 -12.37 5.31 -13.48
N CYS B 197 -11.31 4.76 -12.88
CA CYS B 197 -9.99 5.37 -13.00
C CYS B 197 -9.28 5.03 -14.30
N GLY B 198 -9.86 4.19 -15.16
CA GLY B 198 -9.27 3.95 -16.46
C GLY B 198 -8.28 2.81 -16.57
N ASN B 199 -8.26 1.88 -15.62
CA ASN B 199 -7.46 0.66 -15.73
C ASN B 199 -8.15 -0.38 -16.61
N THR B 200 -7.42 -1.46 -16.91
CA THR B 200 -8.00 -2.67 -17.51
C THR B 200 -7.76 -3.84 -16.55
N MET B 201 -8.51 -4.93 -16.74
CA MET B 201 -8.62 -5.91 -15.65
C MET B 201 -8.56 -7.37 -16.11
N VAL B 202 -8.08 -8.22 -15.20
CA VAL B 202 -8.22 -9.67 -15.28
C VAL B 202 -8.86 -10.14 -13.98
N LEU B 203 -10.01 -10.77 -14.09
CA LEU B 203 -10.86 -11.20 -12.99
C LEU B 203 -10.80 -12.72 -12.85
N LYS B 204 -10.58 -13.20 -11.62
CA LYS B 204 -10.76 -14.62 -11.29
C LYS B 204 -11.79 -14.77 -10.17
N PRO B 205 -13.01 -15.15 -10.48
CA PRO B 205 -13.97 -15.51 -9.44
C PRO B 205 -13.53 -16.82 -8.81
N ALA B 206 -13.99 -17.01 -7.57
CA ALA B 206 -13.79 -18.30 -6.91
C ALA B 206 -14.27 -19.45 -7.80
N GLU B 207 -13.59 -20.59 -7.69
CA GLU B 207 -13.95 -21.79 -8.44
C GLU B 207 -15.34 -22.31 -8.08
N GLN B 208 -15.78 -22.11 -6.84
CA GLN B 208 -17.10 -22.59 -6.45
C GLN B 208 -18.22 -21.75 -7.05
N THR B 209 -17.95 -20.49 -7.43
CA THR B 209 -18.98 -19.50 -7.74
C THR B 209 -18.59 -18.68 -8.97
N PRO B 210 -18.50 -19.31 -10.15
CA PRO B 210 -18.08 -18.54 -11.33
C PRO B 210 -19.21 -17.96 -12.17
N LEU B 211 -20.47 -18.28 -11.87
CA LEU B 211 -21.52 -18.07 -12.86
C LEU B 211 -21.84 -16.59 -13.07
N THR B 212 -21.96 -15.79 -12.00
CA THR B 212 -22.36 -14.40 -12.20
C THR B 212 -21.23 -13.56 -12.77
N ALA B 213 -19.97 -13.87 -12.46
CA ALA B 213 -18.87 -13.19 -13.11
C ALA B 213 -18.95 -13.38 -14.63
N LEU B 214 -19.11 -14.62 -15.07
CA LEU B 214 -19.16 -14.86 -16.52
C LEU B 214 -20.32 -14.09 -17.15
N TYR B 215 -21.49 -14.11 -16.53
CA TYR B 215 -22.63 -13.36 -17.07
C TYR B 215 -22.35 -11.86 -17.07
N LEU B 216 -21.67 -11.34 -16.04
CA LEU B 216 -21.34 -9.93 -16.09
C LEU B 216 -20.48 -9.59 -17.32
N GLY B 217 -19.58 -10.50 -17.70
CA GLY B 217 -18.79 -10.30 -18.91
C GLY B 217 -19.63 -10.05 -20.15
N SER B 218 -20.72 -10.80 -20.31
CA SER B 218 -21.58 -10.52 -21.44
C SER B 218 -22.11 -9.09 -21.38
N LEU B 219 -22.58 -8.65 -20.19
CA LEU B 219 -23.06 -7.29 -20.05
C LEU B 219 -21.94 -6.28 -20.20
N ILE B 220 -20.69 -6.67 -19.96
CA ILE B 220 -19.60 -5.72 -20.18
C ILE B 220 -19.42 -5.47 -21.68
N LYS B 221 -19.60 -6.53 -22.47
CA LYS B 221 -19.52 -6.38 -23.92
C LYS B 221 -20.74 -5.63 -24.45
N GLU B 222 -21.93 -5.98 -23.96
CA GLU B 222 -23.13 -5.30 -24.44
C GLU B 222 -23.12 -3.83 -24.03
N ALA B 223 -22.48 -3.49 -22.90
CA ALA B 223 -22.41 -2.10 -22.53
C ALA B 223 -21.47 -1.29 -23.42
N GLY B 224 -20.59 -1.95 -24.15
CA GLY B 224 -19.71 -1.25 -25.07
C GLY B 224 -18.32 -0.94 -24.56
N PHE B 225 -17.87 -1.60 -23.51
CA PHE B 225 -16.48 -1.48 -23.15
C PHE B 225 -15.62 -2.07 -24.27
N PRO B 226 -14.54 -1.40 -24.66
CA PRO B 226 -13.68 -1.93 -25.72
C PRO B 226 -13.13 -3.28 -25.33
N PRO B 227 -12.78 -4.11 -26.31
CA PRO B 227 -12.29 -5.45 -25.99
C PRO B 227 -10.98 -5.39 -25.24
N GLY B 228 -10.82 -6.30 -24.26
CA GLY B 228 -9.63 -6.34 -23.44
C GLY B 228 -9.67 -5.52 -22.17
N VAL B 229 -10.66 -4.62 -22.03
CA VAL B 229 -10.76 -3.79 -20.82
C VAL B 229 -11.06 -4.65 -19.61
N VAL B 230 -11.95 -5.64 -19.75
CA VAL B 230 -12.18 -6.60 -18.69
C VAL B 230 -12.09 -8.00 -19.26
N ASN B 231 -11.21 -8.82 -18.69
CA ASN B 231 -11.13 -10.23 -19.03
C ASN B 231 -11.33 -11.08 -17.78
N ILE B 232 -11.93 -12.25 -17.97
CA ILE B 232 -12.32 -13.14 -16.87
C ILE B 232 -11.78 -14.54 -17.14
N VAL B 233 -10.96 -15.04 -16.21
CA VAL B 233 -10.51 -16.42 -16.31
C VAL B 233 -10.96 -17.21 -15.08
N PRO B 234 -11.94 -18.09 -15.22
CA PRO B 234 -12.28 -19.02 -14.13
C PRO B 234 -11.17 -20.02 -13.85
N GLY B 235 -11.25 -20.63 -12.69
CA GLY B 235 -10.33 -21.69 -12.32
C GLY B 235 -9.98 -21.61 -10.85
N PHE B 236 -8.95 -22.34 -10.47
CA PHE B 236 -8.64 -22.59 -9.07
C PHE B 236 -7.61 -21.60 -8.54
N GLY B 237 -7.50 -21.56 -7.21
CA GLY B 237 -6.62 -20.63 -6.54
C GLY B 237 -5.17 -20.84 -6.91
N PRO B 238 -4.62 -22.02 -6.57
CA PRO B 238 -3.18 -22.27 -6.80
C PRO B 238 -2.77 -22.33 -8.26
N THR B 239 -3.72 -22.43 -9.20
CA THR B 239 -3.34 -22.40 -10.61
C THR B 239 -3.56 -21.01 -11.17
N VAL B 240 -4.83 -20.61 -11.34
CA VAL B 240 -5.15 -19.33 -11.96
C VAL B 240 -4.79 -18.16 -11.04
N GLY B 241 -5.20 -18.25 -9.77
CA GLY B 241 -4.95 -17.14 -8.86
C GLY B 241 -3.47 -16.89 -8.67
N ALA B 242 -2.67 -17.96 -8.62
CA ALA B 242 -1.24 -17.81 -8.44
C ALA B 242 -0.59 -17.27 -9.71
N ALA B 243 -1.11 -17.66 -10.88
CA ALA B 243 -0.57 -17.08 -12.10
C ALA B 243 -0.87 -15.60 -12.18
N ILE B 244 -1.97 -15.15 -11.56
CA ILE B 244 -2.28 -13.75 -11.56
C ILE B 244 -1.36 -13.00 -10.61
N SER B 245 -1.23 -13.50 -9.39
CA SER B 245 -0.53 -12.74 -8.36
C SER B 245 0.97 -12.66 -8.61
N SER B 246 1.51 -13.54 -9.43
CA SER B 246 2.94 -13.51 -9.71
C SER B 246 3.23 -13.05 -11.12
N HIS B 247 2.22 -12.56 -11.85
CA HIS B 247 2.39 -12.27 -13.27
C HIS B 247 3.24 -11.04 -13.48
N PRO B 248 4.27 -11.10 -14.34
CA PRO B 248 5.19 -9.94 -14.45
C PRO B 248 4.57 -8.73 -15.09
N GLN B 249 3.40 -8.84 -15.71
CA GLN B 249 2.80 -7.70 -16.40
C GLN B 249 1.43 -7.35 -15.85
N ILE B 250 1.13 -7.80 -14.64
CA ILE B 250 0.03 -7.25 -13.86
C ILE B 250 0.57 -6.19 -12.91
N ASN B 251 -0.07 -5.03 -12.90
CA ASN B 251 0.41 -3.89 -12.12
C ASN B 251 -0.19 -3.81 -10.73
N LYS B 252 -1.35 -4.42 -10.51
CA LYS B 252 -2.12 -4.19 -9.29
C LYS B 252 -2.97 -5.42 -9.05
N ILE B 253 -3.15 -5.79 -7.78
CA ILE B 253 -4.06 -6.88 -7.46
C ILE B 253 -4.98 -6.49 -6.30
N ALA B 254 -6.26 -6.85 -6.43
CA ALA B 254 -7.25 -6.72 -5.37
C ALA B 254 -7.78 -8.10 -5.00
N PHE B 255 -7.72 -8.44 -3.71
CA PHE B 255 -8.08 -9.76 -3.24
C PHE B 255 -9.07 -9.65 -2.11
N THR B 256 -10.10 -10.48 -2.16
CA THR B 256 -10.99 -10.68 -1.01
C THR B 256 -11.11 -12.17 -0.76
N GLY B 257 -10.88 -12.56 0.48
CA GLY B 257 -10.83 -13.95 0.91
C GLY B 257 -10.14 -14.09 2.27
N SER B 258 -9.55 -15.26 2.46
CA SER B 258 -9.01 -15.64 3.75
C SER B 258 -7.69 -14.93 4.02
N THR B 259 -7.42 -14.71 5.31
CA THR B 259 -6.19 -14.04 5.69
C THR B 259 -4.96 -14.79 5.15
N GLU B 260 -5.00 -16.12 5.25
CA GLU B 260 -3.89 -16.97 4.84
C GLU B 260 -3.63 -16.86 3.34
N VAL B 261 -4.68 -16.99 2.52
CA VAL B 261 -4.44 -16.79 1.09
C VAL B 261 -4.07 -15.33 0.77
N GLY B 262 -4.60 -14.37 1.52
CA GLY B 262 -4.17 -12.99 1.33
C GLY B 262 -2.68 -12.81 1.57
N LYS B 263 -2.12 -13.52 2.55
CA LYS B 263 -0.70 -13.40 2.81
C LYS B 263 0.10 -13.97 1.65
N LEU B 264 -0.34 -15.10 1.10
CA LEU B 264 0.36 -15.70 -0.04
C LEU B 264 0.32 -14.79 -1.25
N VAL B 265 -0.86 -14.22 -1.54
CA VAL B 265 -1.01 -13.33 -2.70
C VAL B 265 -0.08 -12.13 -2.56
N LYS B 266 -0.08 -11.50 -1.38
CA LYS B 266 0.78 -10.34 -1.24
C LYS B 266 2.25 -10.72 -1.35
N GLU B 267 2.64 -11.91 -0.87
CA GLU B 267 4.04 -12.30 -0.97
C GLU B 267 4.43 -12.60 -2.41
N ALA B 268 3.54 -13.27 -3.17
CA ALA B 268 3.81 -13.54 -4.58
C ALA B 268 3.90 -12.25 -5.38
N ALA B 269 3.05 -11.27 -5.04
CA ALA B 269 3.08 -9.97 -5.68
C ALA B 269 4.41 -9.29 -5.47
N SER B 270 4.93 -9.33 -4.23
CA SER B 270 6.20 -8.70 -3.92
C SER B 270 7.36 -9.47 -4.54
N ARG B 271 7.25 -10.79 -4.65
CA ARG B 271 8.37 -11.57 -5.17
C ARG B 271 8.52 -11.38 -6.67
N SER B 272 7.42 -11.09 -7.37
CA SER B 272 7.54 -11.03 -8.82
C SER B 272 7.93 -9.63 -9.26
N ASN B 273 6.99 -8.68 -9.24
CA ASN B 273 7.23 -7.36 -9.81
C ASN B 273 6.79 -6.23 -8.90
N LEU B 274 6.48 -6.50 -7.63
CA LEU B 274 6.13 -5.47 -6.65
C LEU B 274 4.83 -4.75 -7.03
N LYS B 275 3.89 -5.51 -7.60
CA LYS B 275 2.58 -4.98 -7.92
C LYS B 275 1.85 -4.52 -6.67
N ARG B 276 1.06 -3.46 -6.80
CA ARG B 276 0.29 -2.94 -5.67
C ARG B 276 -0.84 -3.91 -5.32
N VAL B 277 -1.11 -4.04 -4.02
CA VAL B 277 -1.99 -5.11 -3.52
C VAL B 277 -2.97 -4.54 -2.52
N THR B 278 -4.27 -4.69 -2.80
CA THR B 278 -5.34 -4.45 -1.85
C THR B 278 -5.84 -5.78 -1.28
N LEU B 279 -6.03 -5.85 0.04
CA LEU B 279 -6.49 -7.07 0.71
C LEU B 279 -7.71 -6.77 1.58
N GLU B 280 -8.83 -7.49 1.34
CA GLU B 280 -10.00 -7.49 2.22
C GLU B 280 -10.11 -8.88 2.82
N LEU B 281 -9.87 -8.99 4.12
CA LEU B 281 -9.73 -10.32 4.69
C LEU B 281 -10.77 -10.57 5.78
N GLY B 282 -10.50 -11.52 6.67
CA GLY B 282 -11.44 -11.84 7.72
C GLY B 282 -11.28 -10.93 8.91
N GLY B 283 -12.03 -11.24 9.96
CA GLY B 283 -11.94 -10.47 11.19
C GLY B 283 -12.55 -11.24 12.35
N LYS B 284 -12.19 -10.81 13.55
CA LYS B 284 -12.83 -11.26 14.79
C LYS B 284 -13.67 -10.09 15.28
N ASN B 285 -14.83 -9.89 14.65
CA ASN B 285 -15.56 -8.64 14.72
C ASN B 285 -16.39 -8.56 16.01
N PRO B 286 -16.18 -7.56 16.84
CA PRO B 286 -16.93 -7.47 18.09
C PRO B 286 -18.20 -6.64 17.99
N CYS B 287 -19.07 -6.88 18.97
N CYS B 287 -19.17 -7.02 18.81
CA CYS B 287 -20.34 -6.19 19.14
CA CYS B 287 -20.30 -6.19 19.18
C CYS B 287 -20.50 -5.84 20.61
C CYS B 287 -20.11 -5.77 20.62
N ILE B 288 -20.52 -4.54 20.92
CA ILE B 288 -20.40 -4.03 22.28
C ILE B 288 -21.72 -3.40 22.70
N VAL B 289 -22.37 -4.00 23.70
CA VAL B 289 -23.68 -3.58 24.19
C VAL B 289 -23.52 -2.98 25.58
N CYS B 290 -23.73 -1.67 25.69
CA CYS B 290 -23.67 -0.95 26.94
C CYS B 290 -25.00 -1.06 27.69
N ALA B 291 -24.95 -0.79 28.99
CA ALA B 291 -26.15 -0.93 29.84
C ALA B 291 -27.27 0.00 29.44
N ASP B 292 -26.95 1.15 28.86
CA ASP B 292 -27.95 2.13 28.45
C ASP B 292 -28.35 1.98 26.98
N ALA B 293 -28.05 0.85 26.37
CA ALA B 293 -28.48 0.62 25.00
C ALA B 293 -29.98 0.39 24.93
N ASP B 294 -30.56 0.71 23.78
CA ASP B 294 -31.83 0.13 23.38
C ASP B 294 -31.63 -1.38 23.26
N LEU B 295 -32.11 -2.15 24.23
CA LEU B 295 -31.72 -3.56 24.29
C LEU B 295 -32.32 -4.35 23.13
N ASP B 296 -33.58 -4.09 22.78
CA ASP B 296 -34.20 -4.79 21.66
C ASP B 296 -33.52 -4.47 20.34
N LEU B 297 -33.04 -3.24 20.17
CA LEU B 297 -32.23 -2.94 19.00
C LEU B 297 -30.93 -3.72 19.05
N ALA B 298 -30.23 -3.70 20.19
CA ALA B 298 -28.94 -4.38 20.29
C ALA B 298 -29.09 -5.88 20.08
N VAL B 299 -30.22 -6.46 20.51
CA VAL B 299 -30.45 -7.89 20.33
C VAL B 299 -30.71 -8.20 18.86
N GLU B 300 -31.55 -7.38 18.21
CA GLU B 300 -31.89 -7.64 16.82
C GLU B 300 -30.65 -7.51 15.91
N CYS B 301 -29.84 -6.47 16.15
CA CYS B 301 -28.66 -6.24 15.32
C CYS B 301 -27.60 -7.28 15.58
N ALA B 302 -27.34 -7.61 16.84
CA ALA B 302 -26.34 -8.63 17.15
C ALA B 302 -26.76 -9.97 16.57
N HIS B 303 -28.08 -10.23 16.56
CA HIS B 303 -28.57 -11.47 15.97
C HIS B 303 -28.32 -11.50 14.47
N GLN B 304 -28.69 -10.42 13.76
CA GLN B 304 -28.44 -10.34 12.34
C GLN B 304 -26.95 -10.47 12.04
N GLY B 305 -26.12 -9.77 12.82
CA GLY B 305 -24.69 -9.80 12.57
C GLY B 305 -24.11 -11.20 12.68
N VAL B 306 -24.60 -11.99 13.63
CA VAL B 306 -24.05 -13.32 13.86
C VAL B 306 -24.58 -14.33 12.84
N PHE B 307 -25.88 -14.26 12.55
CA PHE B 307 -26.58 -15.35 11.88
C PHE B 307 -26.86 -15.08 10.40
N PHE B 308 -26.69 -13.85 9.93
CA PHE B 308 -26.95 -13.55 8.52
C PHE B 308 -26.07 -14.41 7.62
N ASN B 309 -26.69 -15.02 6.62
CA ASN B 309 -25.98 -15.77 5.60
C ASN B 309 -25.26 -16.97 6.19
N GLN B 310 -25.94 -17.64 7.12
CA GLN B 310 -25.41 -18.79 7.87
C GLN B 310 -24.11 -18.44 8.62
N GLY B 311 -23.87 -17.15 8.86
CA GLY B 311 -22.66 -16.67 9.48
C GLY B 311 -21.47 -16.50 8.55
N GLN B 312 -21.67 -16.70 7.25
CA GLN B 312 -20.56 -16.74 6.30
C GLN B 312 -20.47 -15.41 5.55
N CYS B 313 -20.11 -14.40 6.32
CA CYS B 313 -20.01 -13.03 5.84
C CYS B 313 -18.81 -12.38 6.52
N CYS B 314 -18.06 -11.59 5.75
CA CYS B 314 -16.88 -10.92 6.30
C CYS B 314 -17.23 -10.05 7.48
N THR B 315 -18.46 -9.52 7.54
CA THR B 315 -18.89 -8.66 8.63
C THR B 315 -19.53 -9.42 9.80
N ALA B 316 -19.49 -10.75 9.80
CA ALA B 316 -20.18 -11.50 10.84
C ALA B 316 -19.61 -11.18 12.22
N ALA B 317 -20.49 -11.10 13.22
CA ALA B 317 -20.05 -10.83 14.59
C ALA B 317 -19.57 -12.13 15.22
N SER B 318 -18.37 -12.10 15.81
CA SER B 318 -17.82 -13.27 16.45
C SER B 318 -17.71 -13.15 17.97
N ARG B 319 -17.75 -11.95 18.52
CA ARG B 319 -17.77 -11.75 19.97
C ARG B 319 -18.85 -10.73 20.26
N VAL B 320 -19.77 -11.06 21.16
CA VAL B 320 -20.78 -10.12 21.61
C VAL B 320 -20.51 -9.79 23.06
N PHE B 321 -19.96 -8.60 23.31
CA PHE B 321 -19.69 -8.09 24.65
C PHE B 321 -20.90 -7.35 25.19
N VAL B 322 -21.38 -7.74 26.37
CA VAL B 322 -22.57 -7.16 26.99
C VAL B 322 -22.25 -6.75 28.41
N GLU B 323 -22.54 -5.51 28.76
CA GLU B 323 -22.28 -5.04 30.11
C GLU B 323 -23.15 -5.80 31.10
N GLU B 324 -22.57 -6.08 32.26
CA GLU B 324 -23.20 -6.97 33.24
C GLU B 324 -24.61 -6.55 33.65
N GLN B 325 -24.96 -5.27 33.55
CA GLN B 325 -26.27 -4.82 34.01
C GLN B 325 -27.39 -5.31 33.11
N VAL B 326 -27.11 -5.53 31.83
CA VAL B 326 -28.13 -6.01 30.90
C VAL B 326 -27.76 -7.39 30.35
N TYR B 327 -26.77 -8.03 30.98
CA TYR B 327 -26.19 -9.25 30.45
C TYR B 327 -27.21 -10.38 30.36
N SER B 328 -27.85 -10.73 31.49
CA SER B 328 -28.74 -11.88 31.49
C SER B 328 -29.98 -11.61 30.66
N GLU B 329 -30.46 -10.37 30.64
CA GLU B 329 -31.62 -10.06 29.83
C GLU B 329 -31.28 -10.08 28.34
N PHE B 330 -30.10 -9.60 27.97
CA PHE B 330 -29.65 -9.73 26.59
C PHE B 330 -29.59 -11.19 26.16
N VAL B 331 -29.07 -12.07 27.03
CA VAL B 331 -28.99 -13.48 26.71
C VAL B 331 -30.37 -14.07 26.52
N ARG B 332 -31.30 -13.75 27.43
CA ARG B 332 -32.64 -14.30 27.33
C ARG B 332 -33.30 -13.91 26.02
N ARG B 333 -33.28 -12.62 25.68
CA ARG B 333 -33.90 -12.16 24.45
C ARG B 333 -33.19 -12.69 23.23
N SER B 334 -31.87 -12.91 23.32
CA SER B 334 -31.15 -13.50 22.20
C SER B 334 -31.58 -14.93 21.97
N VAL B 335 -31.80 -15.69 23.03
CA VAL B 335 -32.20 -17.08 22.88
C VAL B 335 -33.57 -17.16 22.20
N GLU B 336 -34.51 -16.31 22.62
CA GLU B 336 -35.82 -16.31 22.00
C GLU B 336 -35.73 -15.88 20.54
N TYR B 337 -34.95 -14.82 20.27
CA TYR B 337 -34.80 -14.34 18.91
C TYR B 337 -34.19 -15.40 18.00
N ALA B 338 -33.28 -16.22 18.54
CA ALA B 338 -32.62 -17.22 17.72
C ALA B 338 -33.55 -18.39 17.37
N LYS B 339 -34.51 -18.71 18.25
CA LYS B 339 -35.36 -19.88 18.07
C LYS B 339 -36.47 -19.69 17.05
N LYS B 340 -36.63 -18.50 16.47
CA LYS B 340 -37.70 -18.24 15.51
C LYS B 340 -37.23 -18.02 14.07
N ARG B 341 -35.92 -17.85 13.82
CA ARG B 341 -35.45 -17.55 12.46
C ARG B 341 -35.65 -18.75 11.52
N PRO B 342 -36.26 -18.56 10.36
CA PRO B 342 -36.57 -19.69 9.47
C PRO B 342 -35.34 -20.14 8.67
N VAL B 343 -35.22 -21.46 8.51
CA VAL B 343 -34.13 -22.08 7.76
C VAL B 343 -34.72 -23.07 6.76
N GLY B 344 -34.26 -23.01 5.51
CA GLY B 344 -34.75 -23.94 4.49
C GLY B 344 -34.30 -23.71 3.05
N ASP B 345 -35.28 -23.72 2.12
CA ASP B 345 -35.06 -23.69 0.67
C ASP B 345 -34.82 -22.26 0.20
N PRO B 346 -33.71 -21.99 -0.51
CA PRO B 346 -33.42 -20.60 -0.90
C PRO B 346 -34.38 -20.01 -1.93
N PHE B 347 -35.16 -20.82 -2.65
CA PHE B 347 -36.10 -20.29 -3.62
C PHE B 347 -37.49 -20.04 -3.04
N ASP B 348 -37.67 -20.15 -1.72
CA ASP B 348 -38.95 -19.91 -1.07
C ASP B 348 -38.97 -18.55 -0.38
N VAL B 349 -40.15 -17.92 -0.38
CA VAL B 349 -40.26 -16.53 0.06
C VAL B 349 -39.84 -16.38 1.52
N LYS B 350 -40.12 -17.39 2.34
CA LYS B 350 -40.00 -17.27 3.79
C LYS B 350 -38.57 -17.43 4.30
N THR B 351 -37.70 -18.08 3.53
CA THR B 351 -36.40 -18.51 4.05
C THR B 351 -35.48 -17.31 4.31
N GLU B 352 -34.88 -17.29 5.50
CA GLU B 352 -33.85 -16.32 5.87
C GLU B 352 -32.46 -16.94 5.97
N GLN B 353 -32.33 -18.26 5.84
CA GLN B 353 -31.04 -18.94 5.97
C GLN B 353 -31.02 -20.17 5.09
N GLY B 354 -30.16 -20.18 4.07
CA GLY B 354 -30.00 -21.30 3.20
C GLY B 354 -28.88 -22.22 3.68
N PRO B 355 -28.43 -23.14 2.82
CA PRO B 355 -27.38 -24.08 3.23
C PRO B 355 -26.00 -23.42 3.20
N GLN B 356 -25.04 -24.11 3.80
CA GLN B 356 -23.66 -23.69 3.75
C GLN B 356 -22.99 -24.27 2.51
N ILE B 357 -21.81 -23.75 2.18
CA ILE B 357 -21.21 -24.12 0.91
C ILE B 357 -20.47 -25.45 1.02
N ASP B 358 -19.75 -25.70 2.12
CA ASP B 358 -18.76 -26.76 2.12
C ASP B 358 -18.70 -27.53 3.42
N GLN B 359 -18.27 -28.79 3.28
CA GLN B 359 -18.23 -29.74 4.39
C GLN B 359 -17.27 -29.33 5.49
N LYS B 360 -16.17 -28.70 5.12
CA LYS B 360 -15.08 -28.48 6.07
C LYS B 360 -15.51 -27.60 7.23
N GLN B 361 -16.21 -26.50 6.94
CA GLN B 361 -16.68 -25.61 7.99
C GLN B 361 -17.60 -26.35 8.96
N PHE B 362 -18.61 -27.06 8.43
CA PHE B 362 -19.59 -27.75 9.27
C PHE B 362 -18.91 -28.51 10.40
N ASP B 363 -17.88 -29.29 10.08
CA ASP B 363 -17.28 -30.14 11.09
C ASP B 363 -16.58 -29.32 12.15
N LYS B 364 -15.79 -28.31 11.74
CA LYS B 364 -15.06 -27.51 12.72
C LYS B 364 -15.99 -26.67 13.59
N ILE B 365 -17.15 -26.28 13.06
CA ILE B 365 -18.14 -25.60 13.88
C ILE B 365 -18.55 -26.48 15.05
N LEU B 366 -18.85 -27.76 14.77
CA LEU B 366 -19.26 -28.67 15.84
C LEU B 366 -18.12 -28.95 16.81
N GLU B 367 -16.87 -28.92 16.33
CA GLU B 367 -15.75 -29.07 17.23
C GLU B 367 -15.61 -27.84 18.14
N LEU B 368 -15.81 -26.65 17.59
CA LEU B 368 -15.80 -25.45 18.41
C LEU B 368 -16.93 -25.46 19.43
N ILE B 369 -18.12 -25.90 19.00
CA ILE B 369 -19.24 -26.04 19.93
C ILE B 369 -18.85 -26.91 21.12
N GLU B 370 -18.14 -28.02 20.85
CA GLU B 370 -17.78 -28.93 21.93
C GLU B 370 -16.71 -28.33 22.82
N SER B 371 -15.73 -27.64 22.22
CA SER B 371 -14.76 -26.92 23.03
C SER B 371 -15.44 -25.91 23.94
N GLY B 372 -16.57 -25.34 23.50
CA GLY B 372 -17.27 -24.38 24.34
C GLY B 372 -17.83 -25.03 25.59
N LYS B 373 -18.53 -26.16 25.41
CA LYS B 373 -18.96 -26.95 26.55
C LYS B 373 -17.79 -27.30 27.45
N LYS B 374 -16.73 -27.88 26.88
CA LYS B 374 -15.65 -28.42 27.69
C LYS B 374 -14.82 -27.35 28.38
N GLU B 375 -14.81 -26.12 27.87
CA GLU B 375 -14.05 -25.05 28.49
C GLU B 375 -14.87 -24.24 29.50
N GLY B 376 -16.14 -24.57 29.69
CA GLY B 376 -16.94 -23.95 30.73
C GLY B 376 -17.99 -22.96 30.27
N ALA B 377 -18.10 -22.67 28.99
CA ALA B 377 -19.20 -21.85 28.50
C ALA B 377 -20.54 -22.55 28.78
N LYS B 378 -21.61 -21.76 28.78
CA LYS B 378 -22.95 -22.28 28.96
C LYS B 378 -23.66 -22.26 27.61
N LEU B 379 -24.15 -23.42 27.18
CA LEU B 379 -24.92 -23.51 25.95
C LEU B 379 -26.38 -23.16 26.24
N GLU B 380 -26.89 -22.09 25.63
CA GLU B 380 -28.25 -21.64 25.90
C GLU B 380 -29.28 -22.21 24.93
N CYS B 381 -28.87 -22.57 23.71
CA CYS B 381 -29.77 -23.14 22.72
C CYS B 381 -28.93 -23.63 21.55
N GLY B 382 -29.51 -24.53 20.76
CA GLY B 382 -28.82 -25.09 19.60
C GLY B 382 -27.72 -26.07 19.99
N GLY B 383 -26.71 -26.16 19.13
CA GLY B 383 -25.53 -26.95 19.41
C GLY B 383 -25.44 -28.30 18.72
N SER B 384 -25.97 -28.42 17.50
CA SER B 384 -25.90 -29.64 16.72
C SER B 384 -26.47 -29.33 15.33
N ALA B 385 -26.38 -30.33 14.45
CA ALA B 385 -26.92 -30.21 13.11
C ALA B 385 -28.45 -30.18 13.16
N MET B 386 -29.06 -30.02 11.98
CA MET B 386 -30.51 -29.97 11.89
C MET B 386 -31.19 -31.28 12.28
N PHE B 392 -28.65 -26.35 8.01
CA PHE B 392 -27.52 -27.20 8.36
C PHE B 392 -27.20 -27.27 9.86
N ILE B 393 -26.98 -26.14 10.52
CA ILE B 393 -26.64 -26.11 11.95
C ILE B 393 -27.65 -25.29 12.73
N LYS B 394 -28.09 -25.82 13.87
CA LYS B 394 -29.06 -25.11 14.70
C LYS B 394 -28.45 -23.80 15.20
N PRO B 395 -29.19 -22.69 15.15
CA PRO B 395 -28.66 -21.44 15.73
C PRO B 395 -28.33 -21.60 17.20
N THR B 396 -27.11 -21.23 17.55
CA THR B 396 -26.49 -21.59 18.82
C THR B 396 -26.06 -20.34 19.58
N VAL B 397 -26.37 -20.28 20.87
CA VAL B 397 -25.99 -19.16 21.74
C VAL B 397 -25.22 -19.71 22.93
N PHE B 398 -24.04 -19.14 23.19
CA PHE B 398 -23.25 -19.45 24.37
C PHE B 398 -23.23 -18.23 25.29
N SER B 399 -23.51 -18.44 26.56
CA SER B 399 -23.24 -17.42 27.54
C SER B 399 -22.03 -17.85 28.37
N GLU B 400 -21.71 -17.05 29.38
CA GLU B 400 -20.58 -17.30 30.27
C GLU B 400 -19.29 -17.55 29.48
N VAL B 401 -19.16 -16.88 28.36
CA VAL B 401 -17.96 -17.01 27.54
C VAL B 401 -16.90 -16.05 28.06
N THR B 402 -15.64 -16.49 28.05
CA THR B 402 -14.51 -15.66 28.45
C THR B 402 -13.53 -15.52 27.30
N ASP B 403 -12.52 -14.66 27.51
CA ASP B 403 -11.64 -14.25 26.41
C ASP B 403 -10.78 -15.40 25.94
N ASN B 404 -10.23 -16.18 26.87
CA ASN B 404 -9.27 -17.24 26.57
C ASN B 404 -9.93 -18.50 26.02
N MET B 405 -11.26 -18.54 25.92
CA MET B 405 -11.94 -19.68 25.33
C MET B 405 -11.77 -19.71 23.82
N ARG B 406 -12.01 -20.88 23.24
CA ARG B 406 -11.79 -21.05 21.81
C ARG B 406 -12.86 -20.36 20.98
N ILE B 407 -14.11 -20.44 21.42
CA ILE B 407 -15.21 -19.79 20.70
C ILE B 407 -15.13 -18.28 20.73
N ALA B 408 -14.29 -17.72 21.60
CA ALA B 408 -14.04 -16.29 21.66
C ALA B 408 -12.76 -15.88 20.94
N LYS B 409 -11.95 -16.85 20.53
CA LYS B 409 -10.67 -16.58 19.90
C LYS B 409 -10.61 -16.96 18.43
N GLU B 410 -11.52 -17.80 17.92
CA GLU B 410 -11.39 -18.28 16.54
C GLU B 410 -12.59 -17.85 15.70
N GLU B 411 -12.29 -17.35 14.51
CA GLU B 411 -13.32 -17.03 13.52
C GLU B 411 -14.17 -18.26 13.28
N ILE B 412 -15.45 -18.18 13.59
CA ILE B 412 -16.31 -19.36 13.48
C ILE B 412 -16.94 -19.48 12.09
N PHE B 413 -17.37 -18.38 11.50
CA PHE B 413 -18.01 -18.39 10.18
C PHE B 413 -19.15 -19.42 10.14
N GLY B 414 -19.92 -19.48 11.24
CA GLY B 414 -21.13 -20.27 11.32
C GLY B 414 -22.06 -19.68 12.37
N PRO B 415 -23.26 -20.27 12.55
CA PRO B 415 -24.28 -19.71 13.47
C PRO B 415 -24.04 -19.96 14.96
N VAL B 416 -23.06 -19.25 15.53
CA VAL B 416 -22.68 -19.41 16.93
C VAL B 416 -22.50 -18.03 17.54
N GLN B 417 -23.31 -17.72 18.56
CA GLN B 417 -23.31 -16.40 19.22
C GLN B 417 -22.64 -16.50 20.59
N PRO B 418 -21.34 -16.22 20.70
CA PRO B 418 -20.68 -16.21 22.02
C PRO B 418 -20.91 -14.87 22.70
N ILE B 419 -21.42 -14.89 23.93
CA ILE B 419 -21.80 -13.68 24.64
C ILE B 419 -20.91 -13.53 25.87
N LEU B 420 -20.03 -12.53 25.83
CA LEU B 420 -19.12 -12.22 26.92
C LEU B 420 -19.67 -11.06 27.76
N LYS B 421 -19.19 -10.98 29.01
CA LYS B 421 -19.61 -9.97 29.96
C LYS B 421 -18.47 -8.98 30.16
N PHE B 422 -18.80 -7.70 30.37
CA PHE B 422 -17.77 -6.74 30.72
C PHE B 422 -18.33 -5.76 31.74
N LYS B 423 -17.43 -5.00 32.35
CA LYS B 423 -17.79 -4.04 33.40
C LYS B 423 -17.57 -2.60 32.97
N SER B 424 -16.39 -2.26 32.45
CA SER B 424 -16.10 -0.87 32.14
C SER B 424 -15.80 -0.69 30.67
N ILE B 425 -15.99 0.56 30.22
CA ILE B 425 -15.69 0.94 28.84
C ILE B 425 -14.22 0.69 28.53
N GLU B 426 -13.35 1.18 29.41
CA GLU B 426 -11.92 1.00 29.25
C GLU B 426 -11.56 -0.47 29.14
N GLU B 427 -12.20 -1.32 29.93
CA GLU B 427 -11.96 -2.75 29.90
C GLU B 427 -12.35 -3.34 28.56
N VAL B 428 -13.54 -3.02 28.08
CA VAL B 428 -14.02 -3.65 26.85
C VAL B 428 -13.27 -3.12 25.63
N ILE B 429 -12.71 -1.91 25.73
CA ILE B 429 -11.83 -1.41 24.67
C ILE B 429 -10.63 -2.33 24.53
N LYS B 430 -9.94 -2.60 25.65
CA LYS B 430 -8.78 -3.48 25.64
C LYS B 430 -9.14 -4.85 25.07
N ARG B 431 -10.24 -5.43 25.54
CA ARG B 431 -10.54 -6.80 25.15
C ARG B 431 -11.01 -6.87 23.71
N ALA B 432 -11.72 -5.84 23.24
CA ALA B 432 -12.11 -5.82 21.84
C ALA B 432 -10.92 -5.63 20.92
N ASN B 433 -9.89 -4.90 21.36
CA ASN B 433 -8.75 -4.61 20.51
C ASN B 433 -7.62 -5.63 20.64
N SER B 434 -7.72 -6.60 21.53
CA SER B 434 -6.62 -7.55 21.73
C SER B 434 -6.79 -8.70 20.75
N THR B 435 -6.90 -8.35 19.48
CA THR B 435 -7.04 -9.30 18.40
C THR B 435 -6.05 -8.86 17.33
N ASP B 436 -5.66 -9.78 16.46
CA ASP B 436 -4.87 -9.40 15.31
C ASP B 436 -5.72 -8.85 14.18
N TYR B 437 -7.03 -8.78 14.34
CA TYR B 437 -7.93 -8.40 13.26
C TYR B 437 -8.55 -7.05 13.55
N GLY B 438 -9.46 -6.61 12.68
CA GLY B 438 -10.06 -5.32 12.84
C GLY B 438 -10.85 -4.88 11.63
N LEU B 439 -11.84 -5.67 11.22
CA LEU B 439 -12.61 -5.33 10.03
C LEU B 439 -13.79 -4.41 10.38
N THR B 440 -14.68 -4.88 11.24
CA THR B 440 -15.77 -4.05 11.73
C THR B 440 -15.92 -4.22 13.23
N ALA B 441 -16.86 -3.45 13.75
CA ALA B 441 -17.24 -3.40 15.15
C ALA B 441 -18.56 -2.66 15.24
N ALA B 442 -19.39 -3.02 16.22
CA ALA B 442 -20.65 -2.34 16.44
C ALA B 442 -20.86 -2.05 17.91
N VAL B 443 -21.35 -0.84 18.19
CA VAL B 443 -21.55 -0.31 19.52
C VAL B 443 -23.01 0.06 19.70
N PHE B 444 -23.56 -0.30 20.86
CA PHE B 444 -24.95 0.00 21.16
C PHE B 444 -25.01 0.74 22.48
N THR B 445 -25.46 1.99 22.42
CA THR B 445 -25.55 2.85 23.59
C THR B 445 -26.37 4.08 23.22
N LYS B 446 -27.14 4.57 24.18
CA LYS B 446 -27.83 5.83 23.97
C LYS B 446 -26.98 7.04 24.36
N ASN B 447 -25.77 6.82 24.89
CA ASN B 447 -24.96 7.85 25.53
C ASN B 447 -23.98 8.45 24.53
N LEU B 448 -24.06 9.76 24.33
CA LEU B 448 -23.20 10.44 23.36
C LEU B 448 -21.71 10.19 23.63
N ASP B 449 -21.28 10.41 24.87
CA ASP B 449 -19.87 10.23 25.22
C ASP B 449 -19.41 8.81 25.01
N LYS B 450 -20.21 7.82 25.44
CA LYS B 450 -19.83 6.43 25.25
C LYS B 450 -19.72 6.08 23.79
N ALA B 451 -20.75 6.41 23.00
CA ALA B 451 -20.69 6.20 21.56
C ALA B 451 -19.39 6.71 20.96
N LEU B 452 -19.00 7.95 21.30
CA LEU B 452 -17.88 8.57 20.62
C LEU B 452 -16.53 8.12 21.18
N LYS B 453 -16.44 7.91 22.50
CA LYS B 453 -15.22 7.31 23.05
C LYS B 453 -14.95 5.96 22.41
N LEU B 454 -15.97 5.12 22.28
CA LEU B 454 -15.75 3.79 21.72
C LEU B 454 -15.39 3.85 20.23
N ALA B 455 -16.08 4.71 19.47
CA ALA B 455 -15.77 4.83 18.04
C ALA B 455 -14.32 5.23 17.81
N SER B 456 -13.79 6.15 18.61
CA SER B 456 -12.40 6.58 18.44
C SER B 456 -11.42 5.51 18.88
N ALA B 457 -11.78 4.74 19.91
CA ALA B 457 -10.81 3.87 20.58
C ALA B 457 -10.69 2.50 19.92
N LEU B 458 -11.75 2.06 19.24
CA LEU B 458 -11.78 0.71 18.66
C LEU B 458 -10.90 0.65 17.42
N GLU B 459 -10.07 -0.38 17.33
CA GLU B 459 -9.17 -0.54 16.17
C GLU B 459 -9.87 -1.35 15.08
N SER B 460 -10.83 -0.70 14.43
CA SER B 460 -11.70 -1.33 13.44
C SER B 460 -11.91 -0.39 12.26
N GLY B 461 -11.95 -0.96 11.06
CA GLY B 461 -12.07 -0.15 9.86
C GLY B 461 -13.45 0.45 9.71
N THR B 462 -14.45 -0.20 10.26
CA THR B 462 -15.78 0.36 10.36
C THR B 462 -16.28 0.17 11.78
N VAL B 463 -16.89 1.21 12.33
CA VAL B 463 -17.51 1.15 13.64
C VAL B 463 -18.96 1.56 13.48
N TRP B 464 -19.87 0.58 13.55
CA TRP B 464 -21.29 0.86 13.54
C TRP B 464 -21.78 1.25 14.93
N ILE B 465 -22.52 2.35 15.02
CA ILE B 465 -23.20 2.72 16.25
C ILE B 465 -24.70 2.58 16.04
N ASN B 466 -25.29 1.65 16.79
CA ASN B 466 -26.75 1.47 16.88
C ASN B 466 -27.34 0.97 15.57
N CYS B 467 -26.54 0.20 14.86
CA CYS B 467 -26.95 -0.45 13.62
C CYS B 467 -25.97 -1.58 13.39
N TYR B 468 -26.18 -2.31 12.29
CA TYR B 468 -25.25 -3.36 11.88
C TYR B 468 -25.40 -3.57 10.38
N ASN B 469 -24.30 -3.89 9.71
CA ASN B 469 -24.31 -4.16 8.26
C ASN B 469 -24.85 -2.98 7.47
N ALA B 470 -24.51 -1.77 7.89
CA ALA B 470 -24.91 -0.56 7.20
C ALA B 470 -23.77 -0.14 6.29
N LEU B 471 -23.81 -0.64 5.06
CA LEU B 471 -22.78 -0.32 4.09
C LEU B 471 -23.29 0.74 3.12
N TYR B 472 -22.36 1.56 2.65
CA TYR B 472 -22.67 2.55 1.63
C TYR B 472 -21.57 2.56 0.58
N ALA B 473 -21.99 2.70 -0.67
CA ALA B 473 -21.02 2.79 -1.76
C ALA B 473 -20.11 3.98 -1.56
N GLN B 474 -20.60 5.04 -0.91
CA GLN B 474 -19.81 6.24 -0.60
C GLN B 474 -18.97 6.13 0.67
N ALA B 475 -19.10 5.07 1.46
CA ALA B 475 -18.32 4.98 2.70
C ALA B 475 -17.22 3.95 2.57
N PRO B 476 -15.97 4.25 2.94
CA PRO B 476 -14.91 3.24 2.78
C PRO B 476 -15.13 2.05 3.70
N PHE B 477 -14.60 0.91 3.28
CA PHE B 477 -14.72 -0.32 4.03
C PHE B 477 -13.44 -1.10 3.87
N GLY B 478 -12.98 -1.71 4.96
CA GLY B 478 -11.67 -2.34 4.94
C GLY B 478 -11.11 -2.51 6.32
N GLY B 479 -9.98 -3.21 6.39
CA GLY B 479 -9.49 -3.76 7.65
C GLY B 479 -8.34 -2.97 8.26
N PHE B 480 -8.43 -2.77 9.58
CA PHE B 480 -7.26 -2.55 10.40
C PHE B 480 -6.48 -3.85 10.54
N LYS B 481 -5.17 -3.73 10.78
CA LYS B 481 -4.35 -4.86 11.26
C LYS B 481 -4.45 -6.00 10.24
N MET B 482 -4.55 -7.25 10.68
CA MET B 482 -4.50 -8.37 9.74
C MET B 482 -5.82 -8.60 9.01
N SER B 483 -6.78 -7.69 9.17
CA SER B 483 -8.01 -7.76 8.39
C SER B 483 -7.90 -7.12 7.02
N GLY B 484 -6.81 -6.44 6.70
CA GLY B 484 -6.66 -5.99 5.32
C GLY B 484 -5.62 -4.91 5.13
N ASN B 485 -5.38 -4.61 3.86
CA ASN B 485 -4.58 -3.49 3.35
C ASN B 485 -5.45 -2.71 2.37
N GLY B 486 -5.52 -1.41 2.56
CA GLY B 486 -6.27 -0.58 1.65
C GLY B 486 -7.74 -0.54 2.00
N ARG B 487 -8.52 0.10 1.14
CA ARG B 487 -9.94 0.31 1.38
C ARG B 487 -10.71 0.11 0.09
N GLU B 488 -11.92 -0.39 0.21
CA GLU B 488 -12.85 -0.45 -0.93
C GLU B 488 -14.05 0.44 -0.63
N LEU B 489 -14.78 0.83 -1.69
CA LEU B 489 -15.88 1.78 -1.55
C LEU B 489 -15.42 3.22 -1.25
N GLY B 490 -16.29 4.20 -1.55
CA GLY B 490 -15.99 5.58 -1.25
C GLY B 490 -14.84 6.17 -2.05
N GLU B 491 -14.55 7.45 -1.77
CA GLU B 491 -13.48 8.14 -2.49
C GLU B 491 -12.14 7.42 -2.30
N TYR B 492 -11.97 6.75 -1.16
CA TYR B 492 -10.69 6.14 -0.80
C TYR B 492 -10.36 4.95 -1.70
N ALA B 493 -11.38 4.23 -2.18
CA ALA B 493 -11.18 3.19 -3.18
C ALA B 493 -10.32 3.67 -4.35
N LEU B 494 -10.44 4.95 -4.73
CA LEU B 494 -9.73 5.43 -5.91
C LEU B 494 -8.23 5.47 -5.69
N ALA B 495 -7.79 5.65 -4.44
CA ALA B 495 -6.36 5.56 -4.16
C ALA B 495 -5.79 4.17 -4.49
N GLU B 496 -6.62 3.11 -4.51
CA GLU B 496 -6.05 1.81 -4.85
C GLU B 496 -5.84 1.63 -6.35
N TYR B 497 -6.43 2.48 -7.18
CA TYR B 497 -6.47 2.23 -8.61
C TYR B 497 -5.80 3.34 -9.41
N THR B 498 -5.02 4.18 -8.74
CA THR B 498 -4.30 5.27 -9.38
C THR B 498 -2.85 5.27 -8.90
N GLU B 499 -2.00 5.86 -9.74
CA GLU B 499 -0.57 6.02 -9.49
C GLU B 499 -0.27 7.51 -9.57
N VAL B 500 0.32 8.07 -8.52
CA VAL B 500 0.55 9.51 -8.43
C VAL B 500 1.82 9.87 -9.17
N LYS B 501 1.73 10.76 -10.15
CA LYS B 501 2.88 11.32 -10.86
C LYS B 501 3.03 12.80 -10.55
N THR B 502 4.26 13.21 -10.24
CA THR B 502 4.59 14.61 -10.02
C THR B 502 5.28 15.19 -11.26
N VAL B 503 4.73 16.27 -11.80
CA VAL B 503 5.31 16.99 -12.92
C VAL B 503 5.80 18.33 -12.37
N THR B 504 7.09 18.60 -12.52
CA THR B 504 7.73 19.80 -11.98
C THR B 504 8.42 20.54 -13.13
N ILE B 505 7.91 21.71 -13.49
CA ILE B 505 8.41 22.47 -14.64
C ILE B 505 9.08 23.73 -14.13
N LYS B 506 10.34 23.91 -14.45
CA LYS B 506 11.04 25.15 -14.12
C LYS B 506 11.01 26.08 -15.32
N LEU B 507 10.50 27.27 -15.12
CA LEU B 507 10.47 28.29 -16.17
C LEU B 507 11.81 29.01 -16.25
N GLY B 508 12.24 29.31 -17.47
CA GLY B 508 13.35 30.22 -17.68
C GLY B 508 12.94 31.66 -17.42
C1 PEG C . 13.18 18.53 1.02
O1 PEG C . 13.77 17.22 1.02
C2 PEG C . 13.53 19.28 -0.23
O2 PEG C . 14.26 20.45 0.09
C3 PEG C . 15.14 20.92 -0.91
C4 PEG C . 16.54 20.38 -0.72
O4 PEG C . 17.47 21.42 -0.61
PA NAD D . 20.33 -2.14 0.64
O1A NAD D . 18.96 -2.24 0.10
O2A NAD D . 21.25 -3.31 0.81
O5B NAD D . 20.31 -1.44 2.12
C5B NAD D . 19.35 -0.51 2.55
C4B NAD D . 19.03 -0.71 4.02
O4B NAD D . 18.31 -1.93 4.12
C3B NAD D . 20.21 -0.83 4.99
O3B NAD D . 19.80 -0.24 6.21
C2B NAD D . 20.32 -2.34 5.17
O2B NAD D . 20.85 -2.69 6.39
C1B NAD D . 18.86 -2.77 5.09
N9A NAD D . 18.72 -4.17 4.81
C8A NAD D . 19.60 -4.97 4.15
N7A NAD D . 19.21 -6.21 4.05
C5A NAD D . 18.00 -6.24 4.70
C6A NAD D . 17.09 -7.28 4.94
N6A NAD D . 17.32 -8.51 4.51
N1A NAD D . 15.97 -7.00 5.62
C2A NAD D . 15.77 -5.74 6.04
N3A NAD D . 16.56 -4.69 5.85
C4A NAD D . 17.67 -4.99 5.18
O3 NAD D . 20.97 -1.03 -0.38
PN NAD D . 21.70 0.41 -0.16
O1N NAD D . 21.96 0.73 1.31
O2N NAD D . 21.06 1.45 -1.03
O5D NAD D . 23.17 -0.06 -0.78
C5D NAD D . 23.70 -1.35 -0.63
C4D NAD D . 24.12 -1.90 -1.99
O4D NAD D . 24.86 -3.13 -1.82
C3D NAD D . 22.95 -2.26 -2.91
O3D NAD D . 23.39 -2.20 -4.25
C2D NAD D . 22.69 -3.70 -2.50
O2D NAD D . 22.01 -4.49 -3.43
C1D NAD D . 24.13 -4.19 -2.32
N1N NAD D . 24.16 -5.33 -1.39
C2N NAD D . 23.07 -5.71 -0.68
C3N NAD D . 23.16 -6.79 0.18
C7N NAD D . 22.00 -7.27 1.01
O7N NAD D . 21.96 -7.01 2.21
N7N NAD D . 21.08 -7.99 0.38
C4N NAD D . 24.37 -7.47 0.27
C5N NAD D . 25.47 -7.06 -0.48
C6N NAD D . 25.33 -5.99 -1.32
C1 PEG E . -9.00 10.49 0.57
O1 PEG E . -8.36 11.56 1.24
C2 PEG E . -8.80 10.60 -0.92
O2 PEG E . -8.28 9.39 -1.41
C3 PEG E . -8.29 9.26 -2.81
C4 PEG E . -7.03 9.83 -3.43
O4 PEG E . -6.88 9.40 -4.77
C1 PEG F . -23.56 -7.14 2.91
O1 PEG F . -23.55 -6.36 1.74
C2 PEG F . -24.98 -7.38 3.33
O2 PEG F . -25.19 -7.30 4.72
C3 PEG F . -26.56 -7.35 5.09
C4 PEG F . -27.30 -6.11 4.64
O4 PEG F . -28.41 -5.88 5.46
C1 PEG G . -25.79 -1.78 -0.24
O1 PEG G . -25.80 -1.65 1.15
C2 PEG G . -25.37 -0.45 -0.78
O2 PEG G . -23.97 -0.38 -0.74
C3 PEG G . -23.35 -0.83 -1.90
C4 PEG G . -22.10 -1.56 -1.49
O4 PEG G . -22.14 -2.81 -2.15
PA NAD H . -9.99 -18.42 -0.19
O1A NAD H . -9.10 -17.34 0.32
O2A NAD H . -9.64 -19.87 -0.19
O5B NAD H . -10.32 -18.05 -1.74
C5B NAD H . -10.51 -16.74 -2.19
C4B NAD H . -10.12 -16.65 -3.67
O4B NAD H . -8.71 -16.82 -3.71
C3B NAD H . -10.73 -17.70 -4.62
O3B NAD H . -10.99 -17.11 -5.89
C2B NAD H . -9.58 -18.72 -4.68
O2B NAD H . -9.57 -19.57 -5.76
C1B NAD H . -8.37 -17.81 -4.62
N9A NAD H . -7.16 -18.47 -4.19
C8A NAD H . -7.02 -19.54 -3.34
N7A NAD H . -5.78 -19.91 -3.15
C5A NAD H . -5.07 -19.02 -3.92
C6A NAD H . -3.69 -18.88 -4.14
N6A NAD H . -2.78 -19.67 -3.59
N1A NAD H . -3.32 -17.88 -4.97
C2A NAD H . -4.24 -17.08 -5.52
N3A NAD H . -5.54 -17.13 -5.39
C4A NAD H . -5.90 -18.12 -4.57
O3 NAD H . -11.35 -18.19 0.73
PN NAD H . -12.95 -18.20 0.45
O1N NAD H . -13.29 -18.42 -1.00
O2N NAD H . -13.56 -17.04 1.17
O5D NAD H . -13.31 -19.59 1.25
C5D NAD H . -12.36 -20.39 1.89
C4D NAD H . -12.59 -21.78 1.36
O4D NAD H . -11.37 -22.54 1.34
C3D NAD H . -13.55 -22.68 2.14
O3D NAD H . -14.88 -22.34 1.83
C2D NAD H . -13.18 -24.02 1.49
O2D NAD H . -13.86 -24.28 0.30
C1D NAD H . -11.69 -23.86 1.19
#